data_3ERH
#
_entry.id   3ERH
#
_cell.length_a   54.207
_cell.length_b   80.541
_cell.length_c   77.877
_cell.angle_alpha   90.00
_cell.angle_beta   102.64
_cell.angle_gamma   90.00
#
_symmetry.space_group_name_H-M   'P 1 21 1'
#
loop_
_entity.id
_entity.type
_entity.pdbx_description
1 polymer Lactoperoxidase
2 branched 2-acetamido-2-deoxy-beta-D-glucopyranose-(1-4)-2-acetamido-2-deoxy-beta-D-glucopyranose
3 branched alpha-D-mannopyranose-(1-4)-2-acetamido-2-deoxy-beta-D-glucopyranose-(1-4)-2-acetamido-2-deoxy-beta-D-glucopyranose
4 branched alpha-D-mannopyranose-(1-4)-beta-D-mannopyranose-(1-4)-2-acetamido-2-deoxy-beta-D-glucopyranose-(1-4)-2-acetamido-2-deoxy-beta-D-glucopyranose
5 non-polymer 'PROTOPORPHYRIN IX CONTAINING FE'
6 non-polymer 'THIOCYANATE ION'
7 non-polymer 'CALCIUM ION'
8 non-polymer 'IODIDE ION'
9 water water
#
_entity_poly.entity_id   1
_entity_poly.type   'polypeptide(L)'
_entity_poly.pdbx_seq_one_letter_code
;SWEVGCGAPVPLVKCDENSPYRTITGDCNNRRSPALGAANRALARWLPAEYEDGLALPFGWTQRKTRNGFRVPLAREVSN
KIVGYLDEEGVLDQNRSLLFMQWGQIVDHDLDFAPETELGSNEHSKTQCEEYCIQGDNCFPIMFPKNDPKLKTQGKCMPF
FRAGFVCPTPPYQSLAREQINAVTSFLDASLVYGSEP(SEP)LASRLRNLSSPLGLMAVNQEAWDHGLAYLPFNNKKPSP
CEFINTTARVPCFLAGDFRASEQILLATAHTLLLREHNRLARELKKLNPHWNGEKLYQEARKILGAFIQIITFRDYLPIV
LGSEMQKWIPPYQGYNNSVDPRISNVFTFAFRFGHMEVPSTVSRLDENYQPWGPEAELPLHTLFFNTWRIIKDGGIDPLT
RGLLAKKSKLMNQDKMVTSELRNKLFQPTHKIHGFDLAAINLQRCRDHGMPGYNSWRGFCGLSQPKTLKGLQTVLKNKIL
AKKLMDLYKTPDNIDIWIGGNAEPMVERGRVGPLLACLLGRQFQQIRDGDRFWWENPGVFTEKQRDSLQKFSFSRLICDN
THITKVPLHAFQANNYPHDFVDCSTVDKLDLSPWASREN
;
_entity_poly.pdbx_strand_id   A
#
loop_
_chem_comp.id
_chem_comp.type
_chem_comp.name
_chem_comp.formula
BMA D-saccharide, beta linking beta-D-mannopyranose 'C6 H12 O6'
CA non-polymer 'CALCIUM ION' 'Ca 2'
HEM non-polymer 'PROTOPORPHYRIN IX CONTAINING FE' 'C34 H32 Fe N4 O4'
IOD non-polymer 'IODIDE ION' 'I -1'
MAN D-saccharide, alpha linking alpha-D-mannopyranose 'C6 H12 O6'
NAG D-saccharide, beta linking 2-acetamido-2-deoxy-beta-D-glucopyranose 'C8 H15 N O6'
SCN non-polymer 'THIOCYANATE ION' 'C N S -1'
#
# COMPACT_ATOMS: atom_id res chain seq x y z
N SER A 1 -20.67 -19.98 17.37
CA SER A 1 -20.52 -18.86 16.42
C SER A 1 -21.48 -17.72 16.78
N TRP A 2 -21.05 -16.48 16.52
CA TRP A 2 -21.79 -15.28 16.87
C TRP A 2 -22.33 -14.50 15.64
N GLU A 3 -23.22 -13.50 15.85
CA GLU A 3 -23.91 -12.77 14.73
C GLU A 3 -23.27 -12.87 13.36
N VAL A 4 -24.09 -13.42 12.48
CA VAL A 4 -23.66 -13.66 11.12
C VAL A 4 -23.98 -12.42 10.26
N GLY A 5 -24.18 -11.29 10.93
CA GLY A 5 -24.49 -10.04 10.22
C GLY A 5 -24.39 -8.69 10.93
N CYS A 6 -23.38 -8.48 11.78
CA CYS A 6 -23.14 -7.20 12.51
C CYS A 6 -22.70 -6.23 11.45
N GLY A 7 -22.88 -4.95 11.66
CA GLY A 7 -22.46 -4.17 10.57
C GLY A 7 -22.84 -2.72 10.53
N ALA A 8 -21.75 -1.90 10.52
CA ALA A 8 -21.78 -0.45 10.43
C ALA A 8 -21.27 0.18 9.10
N PRO A 9 -21.46 -0.53 7.97
CA PRO A 9 -21.06 0.01 6.65
C PRO A 9 -21.65 1.36 6.19
N VAL A 10 -21.35 1.77 5.00
CA VAL A 10 -22.04 2.87 4.49
C VAL A 10 -23.45 2.32 4.28
N PRO A 11 -24.45 2.99 4.80
CA PRO A 11 -25.81 2.45 4.67
C PRO A 11 -26.34 2.00 3.34
N LEU A 12 -27.23 2.89 2.88
CA LEU A 12 -27.99 2.75 1.66
C LEU A 12 -27.23 2.29 0.46
N VAL A 13 -27.64 1.09 0.02
CA VAL A 13 -27.10 0.48 -1.19
C VAL A 13 -28.21 -0.23 -1.96
N LYS A 14 -28.17 -0.05 -3.28
CA LYS A 14 -29.12 -0.63 -4.20
C LYS A 14 -28.32 -0.81 -5.48
N CYS A 15 -28.23 -2.04 -5.93
CA CYS A 15 -27.48 -2.37 -7.12
C CYS A 15 -28.29 -2.12 -8.39
N ASP A 16 -27.60 -1.72 -9.44
CA ASP A 16 -28.23 -1.43 -10.73
C ASP A 16 -28.44 -2.68 -11.57
N GLU A 17 -27.71 -3.74 -11.24
CA GLU A 17 -27.80 -5.04 -11.90
C GLU A 17 -27.84 -5.02 -13.44
N ASN A 18 -27.15 -4.10 -14.04
CA ASN A 18 -27.08 -3.98 -15.49
C ASN A 18 -26.04 -2.91 -15.75
N SER A 19 -25.65 -2.23 -14.68
CA SER A 19 -24.64 -1.18 -14.76
C SER A 19 -23.31 -1.79 -15.16
N PRO A 20 -22.68 -1.25 -16.19
CA PRO A 20 -21.38 -1.72 -16.70
C PRO A 20 -20.22 -1.09 -15.92
N TYR A 21 -20.55 -0.35 -14.88
CA TYR A 21 -19.53 0.32 -14.08
C TYR A 21 -19.54 -0.09 -12.62
N ARG A 22 -18.35 -0.25 -12.04
CA ARG A 22 -18.26 -0.65 -10.64
C ARG A 22 -18.85 0.48 -9.83
N THR A 23 -19.28 0.19 -8.62
CA THR A 23 -19.77 1.25 -7.74
C THR A 23 -18.49 1.79 -7.09
N ILE A 24 -18.59 2.92 -6.43
CA ILE A 24 -17.43 3.49 -5.77
C ILE A 24 -17.05 2.66 -4.54
N THR A 25 -18.05 2.28 -3.75
CA THR A 25 -17.82 1.51 -2.53
C THR A 25 -17.50 0.04 -2.73
N GLY A 26 -17.60 -0.45 -3.96
CA GLY A 26 -17.28 -1.84 -4.18
C GLY A 26 -18.48 -2.74 -4.01
N ASP A 27 -19.55 -2.16 -3.47
CA ASP A 27 -20.79 -2.91 -3.30
C ASP A 27 -21.30 -3.36 -4.66
N CYS A 28 -22.14 -4.38 -4.67
CA CYS A 28 -22.74 -4.86 -5.90
C CYS A 28 -21.84 -5.60 -6.87
N ASN A 29 -20.60 -5.84 -6.49
CA ASN A 29 -19.71 -6.57 -7.39
C ASN A 29 -20.27 -8.00 -7.53
N ASN A 30 -20.51 -8.63 -6.38
CA ASN A 30 -21.07 -9.98 -6.35
C ASN A 30 -22.57 -9.84 -6.24
N ARG A 31 -23.30 -10.55 -7.10
CA ARG A 31 -24.74 -10.47 -7.13
C ARG A 31 -25.47 -11.20 -6.01
N ARG A 32 -25.05 -12.42 -5.69
CA ARG A 32 -25.72 -13.15 -4.63
C ARG A 32 -25.42 -12.53 -3.27
N SER A 33 -24.21 -12.01 -3.10
CA SER A 33 -23.81 -11.39 -1.83
C SER A 33 -23.14 -10.01 -2.06
N PRO A 34 -23.96 -8.96 -2.31
CA PRO A 34 -23.56 -7.58 -2.56
C PRO A 34 -22.47 -6.85 -1.74
N ALA A 35 -22.38 -7.11 -0.44
CA ALA A 35 -21.39 -6.43 0.39
C ALA A 35 -19.96 -7.00 0.28
N LEU A 36 -19.84 -8.18 -0.30
CA LEU A 36 -18.55 -8.86 -0.48
C LEU A 36 -17.53 -7.98 -1.22
N GLY A 37 -16.42 -7.67 -0.53
CA GLY A 37 -15.37 -6.86 -1.13
C GLY A 37 -15.56 -5.36 -0.99
N ALA A 38 -16.70 -4.92 -0.46
CA ALA A 38 -16.98 -3.50 -0.28
C ALA A 38 -16.09 -2.89 0.77
N ALA A 39 -15.92 -1.56 0.70
CA ALA A 39 -15.09 -0.87 1.68
C ALA A 39 -15.86 -0.72 2.99
N ASN A 40 -15.16 -0.34 4.06
CA ASN A 40 -15.75 -0.17 5.38
C ASN A 40 -16.42 -1.40 5.97
N ARG A 41 -15.83 -2.56 5.72
CA ARG A 41 -16.33 -3.82 6.24
C ARG A 41 -15.13 -4.46 6.92
N ALA A 42 -15.37 -5.51 7.69
CA ALA A 42 -14.28 -6.16 8.38
C ALA A 42 -13.36 -6.88 7.40
N LEU A 43 -12.07 -6.94 7.74
CA LEU A 43 -11.09 -7.64 6.94
C LEU A 43 -11.46 -9.11 7.12
N ALA A 44 -11.24 -9.95 6.10
CA ALA A 44 -11.60 -11.36 6.23
C ALA A 44 -10.59 -12.10 7.11
N ARG A 45 -11.07 -13.11 7.83
CA ARG A 45 -10.23 -13.92 8.71
C ARG A 45 -10.04 -15.28 8.07
N TRP A 46 -8.82 -15.61 7.67
CA TRP A 46 -8.54 -16.92 7.09
C TRP A 46 -8.31 -17.92 8.21
N LEU A 47 -8.02 -17.39 9.40
CA LEU A 47 -7.80 -18.19 10.60
C LEU A 47 -8.35 -17.38 11.77
N PRO A 48 -8.76 -18.05 12.85
CA PRO A 48 -9.30 -17.32 13.99
C PRO A 48 -8.28 -16.36 14.60
N ALA A 49 -8.78 -15.24 15.10
CA ALA A 49 -7.91 -14.25 15.73
C ALA A 49 -7.35 -14.80 17.02
N GLU A 50 -6.15 -14.38 17.38
CA GLU A 50 -5.53 -14.83 18.60
C GLU A 50 -5.25 -13.59 19.42
N TYR A 51 -6.02 -13.46 20.49
CA TYR A 51 -5.93 -12.35 21.41
C TYR A 51 -5.63 -12.91 22.78
N GLU A 52 -4.99 -12.09 23.60
CA GLU A 52 -4.60 -12.46 24.95
C GLU A 52 -5.77 -13.00 25.76
N ASP A 53 -6.92 -12.36 25.65
CA ASP A 53 -8.09 -12.79 26.39
C ASP A 53 -9.09 -13.39 25.43
N GLY A 54 -8.57 -13.90 24.31
CA GLY A 54 -9.40 -14.54 23.32
C GLY A 54 -10.43 -13.68 22.61
N LEU A 55 -10.56 -12.40 22.98
CA LEU A 55 -11.56 -11.53 22.37
C LEU A 55 -11.08 -10.22 21.75
N ALA A 56 -10.25 -9.47 22.49
CA ALA A 56 -9.79 -8.22 21.94
C ALA A 56 -8.43 -7.70 22.40
N LEU A 57 -7.96 -8.13 23.56
CA LEU A 57 -6.67 -7.65 24.07
C LEU A 57 -5.50 -8.31 23.37
N PRO A 58 -4.59 -7.49 22.81
CA PRO A 58 -3.41 -7.99 22.10
C PRO A 58 -2.48 -8.72 23.03
N PHE A 59 -1.61 -9.55 22.47
CA PHE A 59 -0.61 -10.24 23.29
C PHE A 59 0.44 -9.17 23.59
N GLY A 60 0.90 -9.11 24.84
CA GLY A 60 1.88 -8.12 25.22
C GLY A 60 1.23 -7.00 26.04
N TRP A 61 -0.09 -7.03 26.10
CA TRP A 61 -0.89 -6.05 26.84
C TRP A 61 -0.77 -6.23 28.36
N THR A 62 -1.12 -7.43 28.83
CA THR A 62 -1.03 -7.73 30.26
C THR A 62 0.32 -8.37 30.49
N GLN A 63 1.25 -7.57 30.99
CA GLN A 63 2.62 -8.00 31.24
C GLN A 63 2.83 -9.42 31.81
N ARG A 64 1.99 -9.83 32.75
CA ARG A 64 2.14 -11.16 33.35
C ARG A 64 1.65 -12.30 32.47
N LYS A 65 0.63 -12.03 31.66
CA LYS A 65 0.07 -13.04 30.76
C LYS A 65 1.04 -13.36 29.64
N THR A 66 1.29 -14.66 29.44
CA THR A 66 2.21 -15.13 28.42
C THR A 66 1.52 -15.67 27.18
N ARG A 67 2.32 -15.95 26.16
CA ARG A 67 1.82 -16.54 24.93
C ARG A 67 2.56 -17.85 24.84
N ASN A 68 1.84 -18.96 25.01
CA ASN A 68 2.46 -20.28 24.96
C ASN A 68 3.53 -20.49 26.03
N GLY A 69 3.36 -19.82 27.17
CA GLY A 69 4.30 -20.00 28.25
C GLY A 69 5.40 -18.96 28.32
N PHE A 70 5.42 -18.06 27.35
CA PHE A 70 6.44 -17.03 27.34
C PHE A 70 5.95 -15.60 27.15
N ARG A 71 6.79 -14.67 27.58
CA ARG A 71 6.51 -13.25 27.45
C ARG A 71 6.87 -12.89 26.00
N VAL A 72 6.01 -12.13 25.34
CA VAL A 72 6.31 -11.72 23.98
C VAL A 72 7.23 -10.50 24.07
N PRO A 73 8.36 -10.53 23.35
CA PRO A 73 9.37 -9.46 23.33
C PRO A 73 8.81 -8.14 22.81
N LEU A 74 9.32 -7.04 23.32
CA LEU A 74 8.89 -5.71 22.91
C LEU A 74 9.15 -5.46 21.43
N ALA A 75 8.19 -4.85 20.75
CA ALA A 75 8.32 -4.54 19.34
C ALA A 75 9.62 -3.82 19.02
N ARG A 76 9.89 -2.74 19.75
CA ARG A 76 11.11 -1.94 19.54
C ARG A 76 12.40 -2.71 19.81
N GLU A 77 12.37 -3.65 20.76
CA GLU A 77 13.56 -4.45 21.04
C GLU A 77 13.80 -5.39 19.85
N VAL A 78 12.73 -6.00 19.33
CA VAL A 78 12.90 -6.87 18.18
C VAL A 78 13.44 -6.01 17.05
N SER A 79 12.92 -4.79 16.98
CA SER A 79 13.33 -3.85 15.95
C SER A 79 14.82 -3.53 16.02
N ASN A 80 15.33 -3.28 17.23
CA ASN A 80 16.74 -2.93 17.46
C ASN A 80 17.72 -4.07 17.21
N LYS A 81 17.41 -5.27 17.72
CA LYS A 81 18.32 -6.39 17.58
C LYS A 81 18.28 -7.12 16.25
N ILE A 82 17.12 -7.10 15.59
CA ILE A 82 16.98 -7.82 14.35
C ILE A 82 16.90 -7.00 13.06
N VAL A 83 16.03 -5.98 13.08
CA VAL A 83 15.78 -5.17 11.90
C VAL A 83 16.74 -4.07 11.51
N GLY A 84 17.50 -3.54 12.46
CA GLY A 84 18.40 -2.45 12.13
C GLY A 84 19.77 -2.78 11.60
N TYR A 85 20.41 -1.79 10.99
CA TYR A 85 21.77 -1.90 10.45
C TYR A 85 22.26 -0.47 10.18
N LEU A 86 23.55 -0.28 9.96
CA LEU A 86 24.09 1.05 9.75
C LEU A 86 24.58 1.38 8.34
N ASP A 87 25.23 0.40 7.73
CA ASP A 87 25.85 0.55 6.41
C ASP A 87 24.93 0.38 5.20
N GLU A 88 24.55 1.49 4.56
CA GLU A 88 23.68 1.43 3.40
C GLU A 88 24.41 0.99 2.13
N GLU A 89 25.72 0.77 2.21
CA GLU A 89 26.46 0.39 1.02
C GLU A 89 26.30 -1.08 0.67
N GLY A 90 26.06 -1.33 -0.61
CA GLY A 90 25.89 -2.69 -1.10
C GLY A 90 24.51 -3.25 -0.84
N VAL A 91 23.58 -2.37 -0.48
CA VAL A 91 22.22 -2.79 -0.15
C VAL A 91 21.17 -2.69 -1.26
N LEU A 92 21.54 -2.12 -2.42
CA LEU A 92 20.60 -1.95 -3.52
C LEU A 92 20.32 -3.17 -4.35
N ASP A 93 19.09 -3.27 -4.85
CA ASP A 93 18.66 -4.39 -5.67
C ASP A 93 19.20 -4.16 -7.08
N GLN A 94 20.16 -4.99 -7.47
CA GLN A 94 20.75 -4.88 -8.80
C GLN A 94 19.78 -5.09 -9.96
N ASN A 95 18.58 -5.59 -9.72
CA ASN A 95 17.68 -5.79 -10.84
C ASN A 95 16.20 -5.44 -10.63
N ARG A 96 15.97 -4.35 -9.90
CA ARG A 96 14.63 -3.87 -9.64
C ARG A 96 14.80 -2.36 -9.45
N SER A 97 14.13 -1.58 -10.31
CA SER A 97 14.21 -0.12 -10.22
C SER A 97 13.45 0.35 -8.98
N LEU A 98 13.57 1.64 -8.67
CA LEU A 98 12.88 2.21 -7.51
C LEU A 98 11.35 2.09 -7.70
N LEU A 99 10.92 2.09 -8.96
CA LEU A 99 9.50 1.98 -9.31
C LEU A 99 8.88 0.66 -8.85
N PHE A 100 9.71 -0.37 -8.70
CA PHE A 100 9.25 -1.67 -8.24
C PHE A 100 8.68 -1.50 -6.83
N MET A 101 9.45 -0.84 -5.97
CA MET A 101 9.02 -0.61 -4.60
C MET A 101 7.76 0.22 -4.61
N GLN A 102 7.82 1.30 -5.37
CA GLN A 102 6.72 2.26 -5.47
C GLN A 102 5.40 1.72 -5.99
N TRP A 103 5.44 0.85 -6.99
CA TRP A 103 4.19 0.30 -7.51
C TRP A 103 3.54 -0.56 -6.44
N GLY A 104 4.37 -1.31 -5.71
CA GLY A 104 3.85 -2.15 -4.65
C GLY A 104 3.04 -1.35 -3.65
N GLN A 105 3.57 -0.22 -3.22
CA GLN A 105 2.85 0.63 -2.28
C GLN A 105 1.51 1.08 -2.87
N ILE A 106 1.49 1.35 -4.17
CA ILE A 106 0.26 1.77 -4.85
C ILE A 106 -0.81 0.67 -4.84
N VAL A 107 -0.44 -0.52 -5.28
CA VAL A 107 -1.37 -1.65 -5.31
C VAL A 107 -1.88 -1.86 -3.90
N ASP A 108 -0.94 -1.76 -2.96
CA ASP A 108 -1.24 -1.96 -1.56
C ASP A 108 -2.38 -1.07 -1.06
N HIS A 109 -2.24 0.23 -1.32
CA HIS A 109 -3.19 1.23 -0.89
C HIS A 109 -4.51 1.15 -1.65
N ASP A 110 -4.48 0.45 -2.76
CA ASP A 110 -5.69 0.28 -3.53
C ASP A 110 -6.45 -0.85 -2.83
N LEU A 111 -5.72 -1.77 -2.20
CA LEU A 111 -6.37 -2.93 -1.59
C LEU A 111 -6.80 -2.90 -0.12
N ASP A 112 -5.99 -2.30 0.74
CA ASP A 112 -6.36 -2.29 2.12
C ASP A 112 -5.86 -1.07 2.91
N PHE A 113 -6.69 -0.68 3.85
CA PHE A 113 -6.44 0.41 4.77
C PHE A 113 -7.19 0.18 6.09
N ALA A 114 -6.46 0.09 7.21
CA ALA A 114 -7.05 -0.07 8.52
C ALA A 114 -6.72 1.16 9.35
N PRO A 115 -7.56 2.19 9.26
CA PRO A 115 -7.31 3.44 9.98
C PRO A 115 -7.35 3.24 11.49
N GLU A 116 -6.60 4.06 12.22
CA GLU A 116 -6.57 3.96 13.67
C GLU A 116 -7.88 4.44 14.25
N THR A 117 -8.10 4.13 15.51
CA THR A 117 -9.32 4.52 16.19
C THR A 117 -9.50 6.03 16.30
N GLU A 118 -10.71 6.46 15.98
CA GLU A 118 -11.11 7.87 16.01
C GLU A 118 -12.09 8.13 17.15
N LEU A 119 -11.66 8.95 18.10
CA LEU A 119 -12.48 9.32 19.24
C LEU A 119 -11.91 10.65 19.72
N GLY A 120 -10.96 11.16 18.95
CA GLY A 120 -10.32 12.40 19.28
C GLY A 120 -10.31 13.57 18.32
N SER A 121 -11.06 14.59 18.72
CA SER A 121 -11.18 15.85 18.03
C SER A 121 -10.83 16.79 19.17
N ASN A 122 -11.39 16.43 20.33
CA ASN A 122 -11.26 17.17 21.59
C ASN A 122 -10.32 16.50 22.59
N GLU A 123 -9.91 15.28 22.29
CA GLU A 123 -9.06 14.45 23.15
C GLU A 123 -7.80 14.93 23.87
N HIS A 124 -7.73 14.52 25.14
CA HIS A 124 -6.58 14.80 26.01
C HIS A 124 -5.97 13.41 26.13
N SER A 125 -6.71 12.44 25.58
CA SER A 125 -6.30 11.05 25.54
C SER A 125 -5.19 11.00 24.51
N LYS A 126 -5.31 11.86 23.51
CA LYS A 126 -4.31 11.96 22.47
C LYS A 126 -3.01 12.39 23.13
N THR A 127 -3.12 12.81 24.39
CA THR A 127 -1.98 13.28 25.15
C THR A 127 -1.70 12.41 26.37
N GLN A 128 -2.72 11.76 26.91
CA GLN A 128 -2.47 10.89 28.06
C GLN A 128 -1.64 9.74 27.53
N CYS A 129 -1.66 9.57 26.21
CA CYS A 129 -0.92 8.52 25.53
C CYS A 129 0.45 9.01 25.07
N GLU A 130 0.47 10.23 24.54
CA GLU A 130 1.69 10.85 24.04
C GLU A 130 2.69 11.18 25.17
N GLU A 131 2.21 11.97 26.12
CA GLU A 131 3.00 12.45 27.24
C GLU A 131 3.37 11.47 28.35
N TYR A 132 2.41 10.65 28.76
CA TYR A 132 2.69 9.75 29.87
C TYR A 132 2.88 8.26 29.58
N CYS A 133 2.70 7.87 28.32
CA CYS A 133 2.88 6.47 27.93
C CYS A 133 2.04 5.52 28.78
N ILE A 134 0.84 5.96 29.14
CA ILE A 134 -0.05 5.15 29.96
C ILE A 134 -0.92 4.28 29.07
N GLN A 135 -0.78 2.94 29.19
CA GLN A 135 -1.59 2.00 28.43
C GLN A 135 -3.05 2.11 28.85
N GLY A 136 -4.02 2.26 27.90
CA GLY A 136 -5.43 2.46 28.29
C GLY A 136 -6.43 2.69 27.14
N ASP A 137 -7.38 1.74 27.07
CA ASP A 137 -8.35 1.66 26.00
C ASP A 137 -7.52 1.66 24.72
N ASN A 138 -7.71 2.55 23.80
CA ASN A 138 -6.98 2.37 22.53
C ASN A 138 -5.53 2.87 22.42
N CYS A 139 -4.94 3.16 23.57
CA CYS A 139 -3.57 3.58 23.63
C CYS A 139 -2.78 2.36 23.99
N PHE A 140 -1.93 1.90 23.07
CA PHE A 140 -1.14 0.68 23.24
C PHE A 140 0.31 1.06 22.87
N PRO A 141 0.98 1.78 23.77
CA PRO A 141 2.35 2.29 23.67
C PRO A 141 3.45 1.29 23.29
N ILE A 142 4.41 1.80 22.54
CA ILE A 142 5.57 1.01 22.15
C ILE A 142 6.62 1.50 23.14
N MET A 143 6.88 0.67 24.15
CA MET A 143 7.84 0.99 25.20
C MET A 143 9.25 0.79 24.70
N PHE A 144 10.16 1.67 25.13
CA PHE A 144 11.56 1.58 24.74
C PHE A 144 12.28 0.62 25.66
N PRO A 145 13.06 -0.30 25.10
CA PRO A 145 13.79 -1.22 25.97
C PRO A 145 14.94 -0.51 26.71
N LYS A 146 15.55 -1.17 27.68
CA LYS A 146 16.67 -0.57 28.41
C LYS A 146 17.80 -0.43 27.39
N ASN A 147 18.53 0.68 27.44
CA ASN A 147 19.66 0.90 26.53
C ASN A 147 19.29 1.38 25.12
N ASP A 148 18.05 1.79 24.91
CA ASP A 148 17.66 2.29 23.59
C ASP A 148 17.96 3.79 23.60
N PRO A 149 18.78 4.27 22.65
CA PRO A 149 19.09 5.71 22.65
C PRO A 149 17.91 6.68 22.63
N LYS A 150 16.74 6.24 22.16
CA LYS A 150 15.58 7.12 22.13
C LYS A 150 15.10 7.44 23.55
N LEU A 151 15.45 6.59 24.50
CA LEU A 151 15.08 6.82 25.90
C LEU A 151 15.70 8.16 26.31
N LYS A 152 16.96 8.33 25.92
CA LYS A 152 17.73 9.52 26.23
C LYS A 152 17.26 10.79 25.52
N THR A 153 16.69 10.67 24.33
CA THR A 153 16.28 11.87 23.58
C THR A 153 14.81 12.06 23.18
N GLN A 154 13.99 11.02 23.28
CA GLN A 154 12.59 11.18 22.89
C GLN A 154 11.61 10.99 24.04
N GLY A 155 11.89 10.06 24.93
CA GLY A 155 10.97 9.82 26.03
C GLY A 155 10.95 8.37 26.41
N LYS A 156 9.83 7.91 26.94
CA LYS A 156 9.73 6.53 27.37
C LYS A 156 9.05 5.62 26.38
N CYS A 157 8.37 6.20 25.41
CA CYS A 157 7.69 5.36 24.43
C CYS A 157 7.38 6.14 23.17
N MET A 158 6.78 5.39 22.26
CA MET A 158 6.24 5.94 21.06
C MET A 158 4.75 5.80 21.35
N PRO A 159 3.97 6.82 21.03
CA PRO A 159 2.53 6.56 21.14
C PRO A 159 2.11 5.65 19.98
N PHE A 160 1.01 4.94 20.17
CA PHE A 160 0.51 4.04 19.14
C PHE A 160 -0.95 3.76 19.49
N PHE A 161 -1.81 3.85 18.50
CA PHE A 161 -3.26 3.64 18.71
C PHE A 161 -3.76 2.42 17.96
N ARG A 162 -4.56 1.64 18.66
CA ARG A 162 -5.15 0.43 18.09
C ARG A 162 -5.98 0.78 16.87
N ALA A 163 -6.05 -0.14 15.93
CA ALA A 163 -6.81 0.05 14.69
C ALA A 163 -8.31 -0.03 14.93
N GLY A 164 -9.08 0.64 14.09
CA GLY A 164 -10.53 0.61 14.24
C GLY A 164 -11.09 -0.78 14.01
N PHE A 165 -12.32 -1.02 14.51
CA PHE A 165 -13.05 -2.30 14.43
C PHE A 165 -14.50 -2.14 14.06
N VAL A 166 -15.18 -3.28 13.79
CA VAL A 166 -16.53 -3.20 13.34
C VAL A 166 -17.52 -3.45 14.42
N CYS A 167 -18.66 -3.01 14.01
CA CYS A 167 -19.81 -2.78 14.78
C CYS A 167 -19.26 -1.60 15.61
N PRO A 168 -19.43 -0.97 16.80
CA PRO A 168 -18.97 0.61 16.81
C PRO A 168 -17.88 1.53 16.14
N THR A 169 -16.75 1.52 16.84
CA THR A 169 -15.36 2.04 16.85
C THR A 169 -15.08 2.03 18.37
N PRO A 170 -16.10 2.64 19.08
CA PRO A 170 -16.21 2.77 20.57
C PRO A 170 -16.09 1.47 21.46
N PRO A 171 -16.37 1.67 22.81
CA PRO A 171 -16.09 0.63 23.85
C PRO A 171 -16.30 -0.92 23.79
N TYR A 172 -17.51 -1.41 24.10
CA TYR A 172 -17.62 -2.86 24.50
C TYR A 172 -18.58 -3.96 24.04
N GLN A 173 -18.23 -5.13 24.70
CA GLN A 173 -18.78 -6.53 24.87
C GLN A 173 -19.39 -7.46 23.79
N SER A 174 -18.61 -8.07 22.87
CA SER A 174 -19.31 -8.93 21.88
C SER A 174 -18.46 -10.12 21.39
N LEU A 175 -18.37 -10.27 20.07
CA LEU A 175 -17.57 -11.31 19.39
C LEU A 175 -16.14 -10.84 19.28
N ALA A 176 -15.27 -11.71 18.81
CA ALA A 176 -13.88 -11.34 18.66
C ALA A 176 -13.74 -10.08 17.81
N ARG A 177 -12.80 -9.24 18.19
CA ARG A 177 -12.52 -7.97 17.52
C ARG A 177 -12.01 -8.14 16.09
N GLU A 178 -12.69 -7.52 15.14
CA GLU A 178 -12.30 -7.63 13.74
C GLU A 178 -12.03 -6.25 13.17
N GLN A 179 -10.81 -6.02 12.69
CA GLN A 179 -10.44 -4.71 12.15
C GLN A 179 -11.16 -4.43 10.84
N ILE A 180 -11.26 -3.14 10.53
CA ILE A 180 -11.94 -2.65 9.33
C ILE A 180 -11.01 -2.41 8.15
N ASN A 181 -11.55 -2.55 6.93
CA ASN A 181 -10.80 -2.25 5.71
C ASN A 181 -11.58 -1.11 5.10
N ALA A 182 -11.04 0.09 5.19
CA ALA A 182 -11.70 1.30 4.70
C ALA A 182 -11.70 1.51 3.19
N VAL A 183 -11.19 0.56 2.42
CA VAL A 183 -11.17 0.71 0.97
C VAL A 183 -11.72 -0.56 0.29
N THR A 184 -11.98 -0.50 -1.01
CA THR A 184 -12.51 -1.66 -1.70
C THR A 184 -11.46 -2.75 -1.86
N SER A 185 -11.87 -4.01 -1.76
CA SER A 185 -10.93 -5.12 -1.87
C SER A 185 -10.49 -5.36 -3.31
N PHE A 186 -11.30 -4.93 -4.26
CA PHE A 186 -11.01 -5.11 -5.69
C PHE A 186 -9.91 -4.19 -6.18
N LEU A 187 -9.08 -4.67 -7.09
CA LEU A 187 -8.03 -3.83 -7.66
C LEU A 187 -8.81 -2.95 -8.65
N ASP A 188 -9.19 -1.76 -8.21
CA ASP A 188 -10.01 -0.87 -9.03
C ASP A 188 -9.61 0.61 -9.03
N ALA A 189 -8.36 0.92 -8.67
CA ALA A 189 -7.92 2.32 -8.65
C ALA A 189 -8.72 3.15 -7.63
N SER A 190 -9.29 2.48 -6.63
CA SER A 190 -10.03 3.20 -5.63
C SER A 190 -9.15 4.31 -5.06
N LEU A 191 -7.84 4.07 -5.09
CA LEU A 191 -6.90 5.07 -4.55
C LEU A 191 -6.90 6.35 -5.34
N VAL A 192 -7.39 6.33 -6.58
CA VAL A 192 -7.44 7.54 -7.39
C VAL A 192 -8.80 8.21 -7.23
N TYR A 193 -9.85 7.39 -7.27
CA TYR A 193 -11.23 7.85 -7.20
C TYR A 193 -11.88 7.87 -5.82
N GLY A 194 -11.25 7.25 -4.83
CA GLY A 194 -11.82 7.24 -3.49
C GLY A 194 -12.70 6.02 -3.30
N SER A 195 -13.07 5.71 -2.05
CA SER A 195 -13.90 4.55 -1.73
C SER A 195 -15.26 4.89 -1.12
N GLU A 196 -15.51 6.19 -0.99
CA GLU A 196 -16.75 6.73 -0.45
C GLU A 196 -17.30 7.69 -1.51
N PRO A 197 -18.56 7.76 -1.61
CA PRO A 197 -19.21 8.55 -2.64
C PRO A 197 -18.93 9.99 -2.35
N SEP A 198 -18.98 10.24 -1.07
CA SEP A 198 -18.70 11.53 -0.49
CB SEP A 198 -18.69 11.23 1.05
OG SEP A 198 -19.98 10.43 1.47
C SEP A 198 -17.34 12.04 -1.14
O SEP A 198 -17.29 13.04 -1.84
P SEP A 198 -19.96 9.02 2.30
O1P SEP A 198 -21.11 8.06 2.47
O2P SEP A 198 -19.48 9.35 3.77
O3P SEP A 198 -19.00 8.29 1.30
N LEU A 199 -16.34 11.23 -1.12
CA LEU A 199 -15.03 11.69 -1.56
C LEU A 199 -14.86 11.65 -3.09
N ALA A 200 -15.40 10.59 -3.64
CA ALA A 200 -15.40 10.43 -5.05
C ALA A 200 -16.03 11.68 -5.70
N SER A 201 -17.01 12.25 -5.01
CA SER A 201 -17.68 13.43 -5.49
C SER A 201 -16.79 14.67 -5.44
N ARG A 202 -16.21 14.93 -4.27
CA ARG A 202 -15.35 16.09 -4.06
C ARG A 202 -14.14 16.10 -4.97
N LEU A 203 -13.70 14.93 -5.41
CA LEU A 203 -12.53 14.78 -6.26
C LEU A 203 -12.80 15.14 -7.71
N ARG A 204 -14.07 15.10 -8.09
CA ARG A 204 -14.43 15.38 -9.45
C ARG A 204 -14.63 16.85 -9.76
N ASN A 205 -14.49 17.17 -11.04
CA ASN A 205 -14.72 18.48 -11.57
C ASN A 205 -16.11 18.54 -12.17
N LEU A 206 -17.06 18.95 -11.34
CA LEU A 206 -18.45 18.96 -11.81
C LEU A 206 -18.89 20.34 -12.29
N SER A 207 -17.93 21.20 -12.59
CA SER A 207 -18.21 22.53 -13.09
C SER A 207 -18.31 22.49 -14.61
N SER A 208 -17.94 21.35 -15.18
CA SER A 208 -17.98 21.16 -16.63
C SER A 208 -18.23 19.70 -17.00
N PRO A 209 -19.09 19.48 -17.99
CA PRO A 209 -19.49 18.16 -18.52
C PRO A 209 -18.39 17.37 -19.23
N LEU A 210 -17.16 17.44 -18.72
CA LEU A 210 -16.05 16.73 -19.36
C LEU A 210 -15.61 15.48 -18.64
N GLY A 211 -16.14 15.24 -17.45
CA GLY A 211 -15.77 14.06 -16.70
C GLY A 211 -14.32 14.05 -16.25
N LEU A 212 -13.81 15.22 -15.91
CA LEU A 212 -12.44 15.36 -15.47
C LEU A 212 -12.37 15.35 -13.94
N MET A 213 -11.18 15.11 -13.41
CA MET A 213 -10.97 15.13 -11.96
C MET A 213 -10.52 16.55 -11.68
N ALA A 214 -10.81 17.06 -10.50
CA ALA A 214 -10.40 18.42 -10.17
C ALA A 214 -8.87 18.45 -10.11
N VAL A 215 -8.29 19.59 -10.45
CA VAL A 215 -6.84 19.73 -10.43
C VAL A 215 -6.46 20.95 -9.60
N ASN A 216 -5.17 21.09 -9.32
CA ASN A 216 -4.73 22.22 -8.54
C ASN A 216 -4.96 23.51 -9.32
N GLN A 217 -5.34 24.58 -8.62
CA GLN A 217 -5.58 25.86 -9.27
C GLN A 217 -4.49 26.84 -8.88
N GLU A 218 -3.77 26.51 -7.81
CA GLU A 218 -2.70 27.36 -7.30
C GLU A 218 -1.37 27.18 -8.02
N ALA A 219 -1.07 25.97 -8.47
CA ALA A 219 0.20 25.72 -9.15
C ALA A 219 0.14 24.74 -10.31
N TRP A 220 1.07 24.91 -11.25
CA TRP A 220 1.16 24.06 -12.42
C TRP A 220 2.56 23.53 -12.65
N ASP A 221 2.64 22.40 -13.32
CA ASP A 221 3.90 21.71 -13.60
C ASP A 221 4.14 21.75 -15.10
N HIS A 222 4.56 22.95 -15.61
CA HIS A 222 4.82 23.16 -17.01
C HIS A 222 3.61 22.96 -17.84
N GLY A 223 2.59 23.38 -17.29
CA GLY A 223 1.32 23.26 -17.99
C GLY A 223 0.62 21.94 -17.69
N LEU A 224 1.22 21.14 -16.82
CA LEU A 224 0.64 19.87 -16.45
C LEU A 224 0.06 19.97 -15.06
N ALA A 225 -1.04 19.25 -14.84
CA ALA A 225 -1.73 19.29 -13.55
C ALA A 225 -1.06 18.68 -12.32
N TYR A 226 -1.53 19.15 -11.19
CA TYR A 226 -1.10 18.69 -9.88
C TYR A 226 -2.39 18.27 -9.23
N LEU A 227 -2.30 17.54 -8.11
CA LEU A 227 -3.50 17.15 -7.41
C LEU A 227 -3.94 18.37 -6.62
N PRO A 228 -5.24 18.53 -6.39
CA PRO A 228 -5.68 19.69 -5.62
C PRO A 228 -5.14 19.57 -4.19
N PHE A 229 -5.00 20.69 -3.50
CA PHE A 229 -4.51 20.66 -2.12
C PHE A 229 -5.65 20.26 -1.20
N ASN A 230 -5.35 19.73 -0.03
CA ASN A 230 -6.40 19.41 0.92
C ASN A 230 -6.55 20.69 1.72
N ASN A 231 -7.76 21.21 1.79
CA ASN A 231 -8.00 22.46 2.49
C ASN A 231 -7.93 22.36 4.01
N LYS A 232 -8.16 21.18 4.56
CA LYS A 232 -8.14 20.97 6.00
C LYS A 232 -6.83 21.22 6.73
N LYS A 233 -6.89 22.05 7.78
CA LYS A 233 -5.74 22.36 8.62
C LYS A 233 -6.14 21.79 9.98
N PRO A 234 -5.16 21.42 10.83
CA PRO A 234 -3.71 21.48 10.61
C PRO A 234 -3.24 20.49 9.55
N SER A 235 -2.24 20.90 8.77
CA SER A 235 -1.70 20.03 7.72
C SER A 235 -0.28 19.60 8.12
N PRO A 236 0.03 18.30 8.02
CA PRO A 236 1.35 17.79 8.37
C PRO A 236 2.39 18.27 7.37
N CYS A 237 1.95 18.39 6.12
CA CYS A 237 2.81 18.84 5.03
C CYS A 237 3.17 20.30 5.23
N GLU A 238 2.32 21.05 5.91
CA GLU A 238 2.62 22.46 6.18
C GLU A 238 3.63 22.46 7.31
N PHE A 239 3.40 21.61 8.30
CA PHE A 239 4.25 21.50 9.47
C PHE A 239 5.75 21.27 9.25
N ILE A 240 6.12 20.45 8.27
CA ILE A 240 7.55 20.17 8.06
C ILE A 240 8.32 21.33 7.45
N ASN A 241 7.61 22.41 7.15
CA ASN A 241 8.23 23.63 6.63
C ASN A 241 7.25 24.79 6.80
N THR A 242 7.19 25.30 8.03
CA THR A 242 6.32 26.41 8.37
C THR A 242 6.49 27.60 7.46
N THR A 243 7.62 27.66 6.77
CA THR A 243 7.90 28.78 5.87
C THR A 243 7.31 28.59 4.48
N ALA A 244 7.44 27.40 3.91
CA ALA A 244 6.92 27.13 2.57
C ALA A 244 5.40 27.02 2.61
N ARG A 245 4.88 26.60 3.76
CA ARG A 245 3.44 26.46 3.93
C ARG A 245 2.74 25.79 2.76
N VAL A 246 3.17 24.59 2.38
CA VAL A 246 2.50 23.89 1.29
C VAL A 246 1.72 22.70 1.84
N PRO A 247 0.40 22.69 1.60
CA PRO A 247 -0.45 21.59 2.10
C PRO A 247 -0.27 20.24 1.40
N CYS A 248 -0.82 19.20 2.02
CA CYS A 248 -0.77 17.87 1.46
C CYS A 248 -1.73 17.87 0.29
N PHE A 249 -1.68 16.82 -0.52
CA PHE A 249 -2.55 16.74 -1.68
C PHE A 249 -3.85 16.04 -1.34
N LEU A 250 -4.85 16.26 -2.16
CA LEU A 250 -6.17 15.65 -1.96
C LEU A 250 -6.38 14.58 -3.02
N ALA A 251 -6.43 13.32 -2.57
CA ALA A 251 -6.62 12.20 -3.48
C ALA A 251 -7.65 11.20 -2.97
N GLY A 252 -7.93 10.19 -3.80
CA GLY A 252 -8.89 9.16 -3.44
C GLY A 252 -8.50 8.38 -2.21
N ASP A 253 -7.22 8.44 -1.88
CA ASP A 253 -6.71 7.74 -0.70
C ASP A 253 -6.02 8.74 0.23
N PHE A 254 -6.29 8.61 1.53
CA PHE A 254 -5.75 9.53 2.54
C PHE A 254 -4.25 9.52 2.80
N ARG A 255 -3.57 8.45 2.43
CA ARG A 255 -2.13 8.33 2.68
C ARG A 255 -1.26 8.89 1.56
N ALA A 256 -1.90 9.43 0.53
CA ALA A 256 -1.23 9.95 -0.66
C ALA A 256 0.03 10.79 -0.51
N SER A 257 0.12 11.63 0.52
CA SER A 257 1.27 12.51 0.71
C SER A 257 2.28 11.98 1.71
N GLU A 258 2.17 10.69 2.06
CA GLU A 258 3.02 9.97 2.98
C GLU A 258 4.49 10.21 2.68
N GLN A 259 4.83 10.14 1.40
CA GLN A 259 6.21 10.31 0.94
C GLN A 259 6.13 10.85 -0.48
N ILE A 260 7.05 11.76 -0.79
CA ILE A 260 7.07 12.42 -2.07
C ILE A 260 6.94 11.55 -3.31
N LEU A 261 7.52 10.36 -3.29
CA LEU A 261 7.44 9.48 -4.45
C LEU A 261 6.07 8.86 -4.63
N LEU A 262 5.31 8.73 -3.54
CA LEU A 262 3.98 8.16 -3.61
C LEU A 262 3.02 9.21 -4.19
N ALA A 263 3.27 10.47 -3.84
CA ALA A 263 2.47 11.58 -4.31
C ALA A 263 2.77 11.82 -5.79
N THR A 264 3.99 11.48 -6.20
CA THR A 264 4.40 11.62 -7.59
C THR A 264 3.53 10.63 -8.40
N ALA A 265 3.49 9.39 -7.95
CA ALA A 265 2.71 8.34 -8.60
C ALA A 265 1.23 8.70 -8.71
N HIS A 266 0.68 9.25 -7.62
CA HIS A 266 -0.72 9.65 -7.61
C HIS A 266 -0.99 10.68 -8.71
N THR A 267 -0.09 11.66 -8.83
CA THR A 267 -0.23 12.72 -9.82
C THR A 267 -0.28 12.16 -11.25
N LEU A 268 0.57 11.19 -11.53
CA LEU A 268 0.62 10.57 -12.84
C LEU A 268 -0.74 9.97 -13.25
N LEU A 269 -1.35 9.28 -12.29
CA LEU A 269 -2.65 8.63 -12.51
C LEU A 269 -3.79 9.61 -12.69
N LEU A 270 -3.78 10.68 -11.91
CA LEU A 270 -4.82 11.70 -12.04
C LEU A 270 -4.68 12.25 -13.44
N ARG A 271 -3.44 12.50 -13.85
CA ARG A 271 -3.16 13.03 -15.17
C ARG A 271 -3.67 12.09 -16.27
N GLU A 272 -3.48 10.79 -16.09
CA GLU A 272 -3.95 9.84 -17.09
C GLU A 272 -5.48 9.82 -17.18
N HIS A 273 -6.17 10.08 -16.07
CA HIS A 273 -7.62 10.09 -16.12
C HIS A 273 -8.12 11.24 -17.01
N ASN A 274 -7.68 12.46 -16.70
CA ASN A 274 -8.08 13.61 -17.48
C ASN A 274 -7.62 13.45 -18.92
N ARG A 275 -6.46 12.86 -19.12
CA ARG A 275 -5.94 12.66 -20.47
C ARG A 275 -6.91 11.76 -21.26
N LEU A 276 -7.29 10.64 -20.64
CA LEU A 276 -8.20 9.66 -21.22
C LEU A 276 -9.53 10.30 -21.53
N ALA A 277 -10.05 11.02 -20.54
CA ALA A 277 -11.34 11.71 -20.63
C ALA A 277 -11.43 12.72 -21.78
N ARG A 278 -10.38 13.49 -22.02
CA ARG A 278 -10.43 14.46 -23.10
C ARG A 278 -10.19 13.77 -24.44
N GLU A 279 -9.42 12.68 -24.42
CA GLU A 279 -9.17 11.96 -25.65
C GLU A 279 -10.48 11.29 -26.10
N LEU A 280 -11.29 10.91 -25.11
CA LEU A 280 -12.57 10.24 -25.36
C LEU A 280 -13.63 11.22 -25.85
N LYS A 281 -13.64 12.42 -25.30
CA LYS A 281 -14.61 13.42 -25.72
C LYS A 281 -14.37 13.69 -27.20
N LYS A 282 -13.11 13.61 -27.60
CA LYS A 282 -12.71 13.85 -28.98
C LYS A 282 -13.35 12.81 -29.91
N LEU A 283 -13.45 11.58 -29.42
CA LEU A 283 -14.03 10.48 -30.18
C LEU A 283 -15.55 10.41 -30.06
N ASN A 284 -16.05 10.67 -28.87
CA ASN A 284 -17.47 10.62 -28.64
C ASN A 284 -17.95 11.96 -28.08
N PRO A 285 -18.05 12.97 -28.95
CA PRO A 285 -18.48 14.33 -28.61
C PRO A 285 -19.81 14.32 -27.87
N HIS A 286 -20.61 13.31 -28.17
CA HIS A 286 -21.94 13.15 -27.59
C HIS A 286 -21.98 12.73 -26.13
N TRP A 287 -21.04 11.87 -25.73
CA TRP A 287 -21.00 11.40 -24.35
C TRP A 287 -21.05 12.54 -23.34
N ASN A 288 -21.79 12.33 -22.26
CA ASN A 288 -21.92 13.32 -21.19
C ASN A 288 -20.80 13.19 -20.14
N GLY A 289 -20.78 14.11 -19.18
CA GLY A 289 -19.75 14.09 -18.14
C GLY A 289 -19.62 12.78 -17.40
N GLU A 290 -20.74 12.23 -16.95
CA GLU A 290 -20.73 10.96 -16.23
C GLU A 290 -20.10 9.86 -17.07
N LYS A 291 -20.55 9.74 -18.32
CA LYS A 291 -20.04 8.73 -19.24
C LYS A 291 -18.55 8.89 -19.48
N LEU A 292 -18.10 10.14 -19.58
CA LEU A 292 -16.69 10.38 -19.78
C LEU A 292 -15.93 9.89 -18.55
N TYR A 293 -16.45 10.27 -17.38
CA TYR A 293 -15.86 9.88 -16.12
C TYR A 293 -15.76 8.38 -15.92
N GLN A 294 -16.88 7.68 -16.05
CA GLN A 294 -16.89 6.23 -15.85
C GLN A 294 -16.07 5.42 -16.86
N GLU A 295 -16.04 5.85 -18.11
CA GLU A 295 -15.29 5.11 -19.13
C GLU A 295 -13.78 5.30 -18.99
N ALA A 296 -13.36 6.46 -18.49
CA ALA A 296 -11.93 6.72 -18.28
C ALA A 296 -11.52 5.91 -17.04
N ARG A 297 -12.33 6.07 -15.99
CA ARG A 297 -12.13 5.35 -14.73
C ARG A 297 -11.98 3.86 -14.98
N LYS A 298 -12.88 3.31 -15.78
CA LYS A 298 -12.87 1.90 -16.13
C LYS A 298 -11.57 1.54 -16.85
N ILE A 299 -11.10 2.44 -17.71
CA ILE A 299 -9.85 2.19 -18.43
C ILE A 299 -8.69 2.18 -17.43
N LEU A 300 -8.64 3.17 -16.55
CA LEU A 300 -7.57 3.27 -15.57
C LEU A 300 -7.53 2.06 -14.62
N GLY A 301 -8.70 1.53 -14.28
CA GLY A 301 -8.75 0.37 -13.41
C GLY A 301 -8.15 -0.83 -14.10
N ALA A 302 -8.36 -0.92 -15.41
CA ALA A 302 -7.83 -2.04 -16.20
C ALA A 302 -6.31 -1.92 -16.25
N PHE A 303 -5.83 -0.69 -16.33
CA PHE A 303 -4.41 -0.42 -16.38
C PHE A 303 -3.70 -0.90 -15.11
N ILE A 304 -4.29 -0.60 -13.97
CA ILE A 304 -3.68 -1.02 -12.71
C ILE A 304 -3.63 -2.54 -12.64
N GLN A 305 -4.73 -3.19 -13.02
CA GLN A 305 -4.82 -4.64 -12.98
C GLN A 305 -3.81 -5.26 -13.90
N ILE A 306 -3.68 -4.67 -15.09
CA ILE A 306 -2.74 -5.19 -16.07
C ILE A 306 -1.28 -5.04 -15.67
N ILE A 307 -0.87 -3.85 -15.27
CA ILE A 307 0.52 -3.65 -14.86
C ILE A 307 0.82 -4.57 -13.68
N THR A 308 -0.10 -4.61 -12.73
CA THR A 308 0.09 -5.41 -11.54
C THR A 308 0.23 -6.90 -11.82
N PHE A 309 -0.73 -7.46 -12.56
CA PHE A 309 -0.71 -8.89 -12.85
C PHE A 309 0.23 -9.34 -13.95
N ARG A 310 0.49 -8.48 -14.92
CA ARG A 310 1.38 -8.87 -16.01
C ARG A 310 2.85 -8.56 -15.74
N ASP A 311 3.14 -7.36 -15.25
CA ASP A 311 4.53 -6.94 -15.06
C ASP A 311 5.08 -7.03 -13.62
N TYR A 312 4.21 -6.81 -12.63
CA TYR A 312 4.66 -6.70 -11.23
C TYR A 312 4.63 -7.94 -10.35
N LEU A 313 3.56 -8.74 -10.38
CA LEU A 313 3.54 -9.92 -9.52
C LEU A 313 4.59 -10.97 -9.88
N PRO A 314 4.75 -11.14 -11.20
CA PRO A 314 5.69 -12.15 -11.70
C PRO A 314 7.09 -12.04 -11.11
N ILE A 315 7.48 -10.79 -10.81
CA ILE A 315 8.83 -10.57 -10.30
C ILE A 315 8.85 -10.40 -8.77
N VAL A 316 7.71 -10.64 -8.14
CA VAL A 316 7.61 -10.62 -6.68
C VAL A 316 7.58 -12.11 -6.34
N LEU A 317 6.62 -12.82 -6.95
CA LEU A 317 6.42 -14.24 -6.74
C LEU A 317 7.42 -15.18 -7.41
N GLY A 318 8.11 -14.69 -8.42
CA GLY A 318 9.07 -15.54 -9.12
C GLY A 318 8.48 -16.87 -9.55
N SER A 319 9.23 -17.95 -9.34
CA SER A 319 8.80 -19.28 -9.73
C SER A 319 7.50 -19.75 -9.08
N GLU A 320 7.12 -19.13 -7.97
CA GLU A 320 5.90 -19.51 -7.27
C GLU A 320 4.63 -18.93 -7.89
N MET A 321 4.80 -18.02 -8.84
CA MET A 321 3.69 -17.37 -9.52
C MET A 321 2.64 -18.33 -10.05
N GLN A 322 3.07 -19.30 -10.86
CA GLN A 322 2.17 -20.28 -11.46
C GLN A 322 1.49 -21.20 -10.45
N LYS A 323 2.20 -21.48 -9.36
CA LYS A 323 1.69 -22.36 -8.32
C LYS A 323 0.49 -21.77 -7.57
N TRP A 324 0.44 -20.44 -7.48
CA TRP A 324 -0.64 -19.77 -6.76
C TRP A 324 -1.64 -19.02 -7.63
N ILE A 325 -1.16 -18.45 -8.73
CA ILE A 325 -2.03 -17.70 -9.62
C ILE A 325 -2.03 -18.36 -11.00
N PRO A 326 -2.87 -19.37 -11.17
CA PRO A 326 -2.94 -20.05 -12.46
C PRO A 326 -3.57 -19.19 -13.54
N PRO A 327 -3.47 -19.61 -14.81
CA PRO A 327 -4.07 -18.83 -15.90
C PRO A 327 -5.54 -18.60 -15.60
N TYR A 328 -6.04 -17.44 -16.03
CA TYR A 328 -7.43 -17.05 -15.81
C TYR A 328 -8.37 -17.90 -16.66
N GLN A 329 -9.34 -18.53 -16.00
CA GLN A 329 -10.32 -19.36 -16.70
C GLN A 329 -11.74 -18.84 -16.50
N GLY A 330 -11.87 -17.56 -16.14
CA GLY A 330 -13.18 -16.96 -15.93
C GLY A 330 -13.59 -16.54 -14.53
N TYR A 331 -14.55 -15.60 -14.45
CA TYR A 331 -15.06 -15.11 -13.17
C TYR A 331 -15.71 -16.28 -12.43
N ASN A 332 -15.56 -16.27 -11.10
CA ASN A 332 -16.10 -17.34 -10.24
C ASN A 332 -16.82 -16.71 -9.05
N ASN A 333 -18.15 -16.65 -9.10
CA ASN A 333 -18.94 -16.04 -8.03
C ASN A 333 -18.84 -16.71 -6.65
N SER A 334 -18.18 -17.86 -6.57
CA SER A 334 -18.04 -18.57 -5.30
C SER A 334 -16.77 -18.16 -4.55
N VAL A 335 -15.93 -17.37 -5.19
CA VAL A 335 -14.68 -16.93 -4.58
C VAL A 335 -14.89 -15.68 -3.72
N ASP A 336 -14.33 -15.70 -2.51
CA ASP A 336 -14.43 -14.57 -1.57
C ASP A 336 -13.35 -13.58 -1.98
N PRO A 337 -13.74 -12.42 -2.52
CA PRO A 337 -12.75 -11.42 -2.93
C PRO A 337 -12.16 -10.54 -1.83
N ARG A 338 -12.70 -10.63 -0.63
CA ARG A 338 -12.22 -9.81 0.49
C ARG A 338 -10.75 -9.98 0.83
N ILE A 339 -10.13 -8.86 1.19
CA ILE A 339 -8.73 -8.86 1.60
C ILE A 339 -8.72 -9.40 3.02
N SER A 340 -7.82 -10.33 3.31
CA SER A 340 -7.76 -10.91 4.65
C SER A 340 -6.88 -10.07 5.55
N ASN A 341 -7.06 -10.23 6.85
CA ASN A 341 -6.29 -9.48 7.83
C ASN A 341 -4.79 -9.72 7.70
N VAL A 342 -4.38 -10.97 7.51
CA VAL A 342 -2.95 -11.29 7.42
C VAL A 342 -2.31 -10.73 6.15
N PHE A 343 -3.09 -10.59 5.08
CA PHE A 343 -2.54 -10.05 3.85
C PHE A 343 -1.94 -8.67 4.08
N THR A 344 -2.64 -7.82 4.85
CA THR A 344 -2.18 -6.48 5.11
C THR A 344 -0.87 -6.41 5.87
N PHE A 345 -0.36 -7.56 6.31
CA PHE A 345 0.93 -7.60 7.01
C PHE A 345 1.93 -8.24 6.08
N ALA A 346 1.45 -9.21 5.31
CA ALA A 346 2.28 -9.93 4.37
C ALA A 346 2.73 -8.93 3.30
N PHE A 347 1.84 -8.02 2.92
CA PHE A 347 2.17 -7.06 1.89
C PHE A 347 3.15 -6.01 2.37
N ARG A 348 3.51 -6.06 3.66
CA ARG A 348 4.46 -5.09 4.19
C ARG A 348 5.91 -5.52 3.96
N PHE A 349 6.11 -6.49 3.08
CA PHE A 349 7.47 -6.92 2.77
C PHE A 349 8.13 -5.73 2.09
N GLY A 350 7.29 -4.92 1.45
CA GLY A 350 7.78 -3.74 0.75
C GLY A 350 8.59 -2.79 1.62
N HIS A 351 8.33 -2.77 2.92
CA HIS A 351 9.06 -1.87 3.83
C HIS A 351 10.57 -2.12 3.83
N MET A 352 10.97 -3.34 3.51
CA MET A 352 12.37 -3.67 3.49
C MET A 352 12.96 -3.38 2.11
N GLU A 353 12.14 -2.83 1.22
CA GLU A 353 12.58 -2.51 -0.13
C GLU A 353 12.82 -1.02 -0.35
N VAL A 354 12.64 -0.23 0.70
CA VAL A 354 12.80 1.21 0.63
C VAL A 354 14.23 1.63 0.94
N PRO A 355 14.88 2.34 0.01
CA PRO A 355 16.26 2.79 0.21
C PRO A 355 16.30 4.09 1.05
N SER A 356 17.49 4.46 1.52
CA SER A 356 17.64 5.65 2.36
C SER A 356 17.58 7.01 1.67
N THR A 357 17.68 7.04 0.34
CA THR A 357 17.64 8.34 -0.35
C THR A 357 16.78 8.35 -1.60
N VAL A 358 16.39 9.55 -2.01
CA VAL A 358 15.60 9.80 -3.21
C VAL A 358 16.37 10.82 -4.05
N SER A 359 16.43 10.60 -5.36
CA SER A 359 17.16 11.52 -6.22
C SER A 359 16.27 12.17 -7.23
N ARG A 360 16.75 13.31 -7.73
CA ARG A 360 16.07 14.06 -8.77
C ARG A 360 17.11 14.12 -9.86
N LEU A 361 16.70 13.83 -11.09
CA LEU A 361 17.61 13.84 -12.19
C LEU A 361 17.12 14.80 -13.27
N ASP A 362 18.06 15.35 -14.04
CA ASP A 362 17.69 16.28 -15.09
C ASP A 362 17.56 15.54 -16.40
N GLU A 363 17.18 16.26 -17.42
CA GLU A 363 16.91 15.75 -18.75
C GLU A 363 17.91 14.69 -19.26
N ASN A 364 19.18 14.87 -18.93
CA ASN A 364 20.22 13.92 -19.33
C ASN A 364 20.36 12.85 -18.25
N TYR A 365 19.45 12.90 -17.27
CA TYR A 365 19.46 11.94 -16.16
C TYR A 365 20.71 12.13 -15.30
N GLN A 366 21.04 13.40 -15.06
CA GLN A 366 22.09 13.88 -14.19
C GLN A 366 21.41 14.59 -13.01
N PRO A 367 22.23 14.75 -12.00
CA PRO A 367 21.84 15.24 -10.68
C PRO A 367 21.23 16.51 -10.89
N TRP A 368 20.11 16.64 -10.35
CA TRP A 368 19.44 17.85 -10.57
C TRP A 368 19.80 18.85 -9.50
N GLY A 369 20.87 19.61 -9.70
CA GLY A 369 21.26 20.61 -8.72
C GLY A 369 22.30 20.12 -7.74
N PRO A 370 22.59 20.92 -6.70
CA PRO A 370 23.57 20.65 -5.64
C PRO A 370 23.05 19.67 -4.59
N GLU A 371 21.74 19.66 -4.40
CA GLU A 371 21.12 18.77 -3.41
C GLU A 371 20.10 17.86 -4.10
N ALA A 372 20.59 17.15 -5.10
CA ALA A 372 19.81 16.22 -5.93
C ALA A 372 19.39 14.96 -5.19
N GLU A 373 20.22 14.54 -4.24
CA GLU A 373 19.96 13.34 -3.47
C GLU A 373 19.67 13.70 -2.03
N LEU A 374 18.45 13.40 -1.58
CA LEU A 374 18.00 13.71 -0.23
C LEU A 374 17.70 12.49 0.62
N PRO A 375 17.79 12.63 1.95
CA PRO A 375 17.50 11.51 2.85
C PRO A 375 15.99 11.28 2.82
N LEU A 376 15.59 10.02 2.81
CA LEU A 376 14.17 9.68 2.73
C LEU A 376 13.35 10.41 3.79
N HIS A 377 13.84 10.45 5.02
CA HIS A 377 13.08 11.07 6.09
C HIS A 377 12.72 12.53 5.93
N THR A 378 13.45 13.26 5.09
CA THR A 378 13.12 14.66 4.90
C THR A 378 11.98 14.78 3.90
N LEU A 379 11.54 13.66 3.33
CA LEU A 379 10.47 13.69 2.34
C LEU A 379 9.10 13.15 2.78
N PHE A 380 8.95 12.78 4.05
CA PHE A 380 7.66 12.30 4.53
C PHE A 380 6.70 13.48 4.59
N PHE A 381 5.54 13.35 3.94
CA PHE A 381 4.56 14.43 3.95
C PHE A 381 5.19 15.72 3.43
N ASN A 382 6.07 15.57 2.44
CA ASN A 382 6.75 16.71 1.86
C ASN A 382 6.22 16.99 0.46
N THR A 383 5.38 18.03 0.32
CA THR A 383 4.84 18.39 -0.99
C THR A 383 5.53 19.64 -1.56
N TRP A 384 6.17 20.43 -0.70
CA TRP A 384 6.85 21.66 -1.14
C TRP A 384 8.04 21.42 -2.06
N ARG A 385 8.61 20.22 -2.01
CA ARG A 385 9.73 19.87 -2.88
C ARG A 385 9.26 19.63 -4.30
N ILE A 386 8.01 19.27 -4.46
CA ILE A 386 7.45 19.04 -5.78
C ILE A 386 7.04 20.39 -6.35
N ILE A 387 6.22 21.09 -5.57
CA ILE A 387 5.68 22.39 -5.95
C ILE A 387 6.72 23.48 -6.16
N LYS A 388 7.67 23.63 -5.24
CA LYS A 388 8.66 24.69 -5.38
C LYS A 388 10.09 24.21 -5.62
N ASP A 389 10.25 23.01 -6.16
CA ASP A 389 11.59 22.49 -6.42
C ASP A 389 11.75 21.57 -7.62
N GLY A 390 11.14 21.93 -8.74
CA GLY A 390 11.31 21.15 -9.97
C GLY A 390 10.15 20.39 -10.60
N GLY A 391 9.04 20.25 -9.90
CA GLY A 391 7.94 19.50 -10.48
C GLY A 391 8.18 18.01 -10.29
N ILE A 392 7.41 17.17 -10.98
CA ILE A 392 7.58 15.73 -10.81
C ILE A 392 8.50 15.00 -11.80
N ASP A 393 8.88 15.66 -12.87
CA ASP A 393 9.74 15.01 -13.86
C ASP A 393 11.07 14.55 -13.28
N PRO A 394 11.76 15.39 -12.52
CA PRO A 394 13.05 14.96 -11.96
C PRO A 394 12.86 13.78 -11.00
N LEU A 395 11.69 13.73 -10.38
CA LEU A 395 11.38 12.66 -9.46
C LEU A 395 11.10 11.38 -10.20
N THR A 396 10.35 11.47 -11.29
CA THR A 396 10.00 10.31 -12.09
C THR A 396 11.24 9.68 -12.72
N ARG A 397 12.18 10.50 -13.16
CA ARG A 397 13.40 9.96 -13.76
C ARG A 397 14.13 9.19 -12.70
N GLY A 398 14.04 9.65 -11.45
CA GLY A 398 14.68 8.95 -10.35
C GLY A 398 14.09 7.56 -10.23
N LEU A 399 12.75 7.47 -10.27
CA LEU A 399 12.05 6.19 -10.19
C LEU A 399 12.54 5.15 -11.21
N LEU A 400 12.92 5.64 -12.39
CA LEU A 400 13.38 4.78 -13.46
C LEU A 400 14.88 4.44 -13.39
N ALA A 401 15.70 5.45 -13.08
CA ALA A 401 17.15 5.27 -13.02
C ALA A 401 17.74 4.73 -11.71
N LYS A 402 17.03 4.85 -10.60
CA LYS A 402 17.55 4.36 -9.32
C LYS A 402 17.01 2.96 -9.02
N LYS A 403 17.63 2.27 -8.05
CA LYS A 403 17.20 0.93 -7.71
C LYS A 403 16.47 0.87 -6.37
N SER A 404 15.68 -0.19 -6.18
CA SER A 404 14.98 -0.37 -4.92
C SER A 404 16.03 -0.95 -3.97
N LYS A 405 15.69 -1.05 -2.69
CA LYS A 405 16.62 -1.65 -1.72
C LYS A 405 16.32 -3.15 -1.78
N LEU A 406 17.33 -3.98 -1.63
CA LEU A 406 17.13 -5.42 -1.68
C LEU A 406 16.89 -5.94 -0.27
N MET A 407 15.86 -6.76 -0.07
CA MET A 407 15.61 -7.32 1.25
C MET A 407 16.88 -8.11 1.53
N ASN A 408 17.40 -7.98 2.74
CA ASN A 408 18.64 -8.65 3.13
C ASN A 408 18.51 -9.03 4.60
N GLN A 409 18.73 -10.30 4.92
CA GLN A 409 18.61 -10.76 6.30
C GLN A 409 19.43 -9.99 7.33
N ASP A 410 20.54 -9.40 6.90
CA ASP A 410 21.38 -8.64 7.84
C ASP A 410 21.11 -7.13 7.77
N LYS A 411 20.27 -6.72 6.81
CA LYS A 411 19.93 -5.31 6.62
C LYS A 411 18.47 -5.21 6.14
N MET A 412 17.55 -5.20 7.07
CA MET A 412 16.11 -5.25 6.76
C MET A 412 15.35 -3.98 6.48
N VAL A 413 15.40 -3.04 7.41
CA VAL A 413 14.67 -1.80 7.24
C VAL A 413 15.63 -0.65 7.52
N THR A 414 15.73 0.27 6.56
CA THR A 414 16.62 1.43 6.67
C THR A 414 16.28 2.31 7.86
N SER A 415 17.32 2.91 8.46
CA SER A 415 17.14 3.76 9.62
C SER A 415 16.24 4.95 9.34
N GLU A 416 16.10 5.31 8.06
CA GLU A 416 15.25 6.42 7.68
C GLU A 416 13.81 6.11 8.11
N LEU A 417 13.47 4.82 8.09
CA LEU A 417 12.13 4.38 8.49
C LEU A 417 12.11 3.78 9.90
N ARG A 418 13.21 3.14 10.30
CA ARG A 418 13.34 2.51 11.62
C ARG A 418 13.50 3.49 12.79
N ASN A 419 14.10 4.64 12.53
CA ASN A 419 14.32 5.63 13.58
C ASN A 419 13.78 7.02 13.30
N LYS A 420 13.52 7.34 12.03
CA LYS A 420 13.07 8.69 11.70
C LYS A 420 11.71 8.84 11.05
N LEU A 421 10.86 7.83 11.18
CA LEU A 421 9.53 7.92 10.57
C LEU A 421 8.77 9.08 11.18
N PHE A 422 8.10 9.86 10.32
CA PHE A 422 7.31 10.99 10.78
C PHE A 422 5.84 10.58 10.68
N GLN A 423 5.11 10.72 11.79
CA GLN A 423 3.70 10.37 11.83
C GLN A 423 2.87 11.64 11.71
N PRO A 424 1.66 11.48 11.09
CA PRO A 424 0.68 12.55 10.73
C PRO A 424 0.39 13.45 11.82
N THR A 425 0.13 12.70 12.87
CA THR A 425 -0.39 13.21 14.12
C THR A 425 0.61 13.89 15.04
N HIS A 426 1.84 13.38 15.11
CA HIS A 426 2.87 13.93 16.03
C HIS A 426 3.87 14.86 15.37
N LYS A 427 4.77 15.40 16.18
CA LYS A 427 5.67 16.45 15.68
C LYS A 427 7.14 16.07 15.41
N ILE A 428 7.53 14.83 15.66
CA ILE A 428 8.92 14.44 15.45
C ILE A 428 9.20 13.44 14.35
N HIS A 429 10.46 13.38 13.94
CA HIS A 429 10.93 12.43 12.96
C HIS A 429 11.65 11.41 13.82
N GLY A 430 10.87 10.65 14.60
CA GLY A 430 11.46 9.68 15.49
C GLY A 430 10.70 8.38 15.71
N PHE A 431 9.77 8.04 14.84
CA PHE A 431 9.03 6.79 15.00
C PHE A 431 9.74 5.64 14.29
N ASP A 432 9.34 4.42 14.64
CA ASP A 432 9.94 3.19 14.10
C ASP A 432 8.88 2.36 13.36
N LEU A 433 8.94 2.38 12.04
CA LEU A 433 7.97 1.65 11.24
C LEU A 433 7.98 0.14 11.49
N ALA A 434 9.15 -0.41 11.78
CA ALA A 434 9.29 -1.84 12.03
C ALA A 434 8.59 -2.21 13.33
N ALA A 435 8.82 -1.43 14.38
CA ALA A 435 8.21 -1.68 15.68
C ALA A 435 6.71 -1.55 15.55
N ILE A 436 6.27 -0.54 14.79
CA ILE A 436 4.86 -0.29 14.55
C ILE A 436 4.23 -1.52 13.89
N ASN A 437 4.87 -2.02 12.84
CA ASN A 437 4.39 -3.21 12.15
C ASN A 437 4.21 -4.35 13.14
N LEU A 438 5.22 -4.57 13.97
CA LEU A 438 5.15 -5.64 14.96
C LEU A 438 4.02 -5.41 15.98
N GLN A 439 3.93 -4.20 16.52
CA GLN A 439 2.89 -3.89 17.48
C GLN A 439 1.53 -4.09 16.81
N ARG A 440 1.47 -3.77 15.52
CA ARG A 440 0.23 -3.88 14.75
C ARG A 440 -0.21 -5.31 14.49
N CYS A 441 0.73 -6.26 14.51
CA CYS A 441 0.37 -7.67 14.31
C CYS A 441 -0.43 -8.07 15.51
N ARG A 442 0.12 -7.72 16.67
CA ARG A 442 -0.48 -8.03 17.95
C ARG A 442 -1.84 -7.35 18.07
N ASP A 443 -1.91 -6.10 17.61
CA ASP A 443 -3.15 -5.34 17.64
C ASP A 443 -4.20 -6.08 16.81
N HIS A 444 -3.81 -6.58 15.65
CA HIS A 444 -4.73 -7.30 14.79
C HIS A 444 -5.00 -8.75 15.18
N GLY A 445 -4.49 -9.16 16.33
CA GLY A 445 -4.70 -10.52 16.80
C GLY A 445 -4.26 -11.59 15.82
N MET A 446 -3.07 -11.39 15.25
CA MET A 446 -2.51 -12.32 14.28
C MET A 446 -1.99 -13.63 14.88
N PRO A 447 -2.21 -14.75 14.17
CA PRO A 447 -1.72 -16.06 14.63
C PRO A 447 -0.20 -16.02 14.47
N GLY A 448 0.52 -16.90 15.16
CA GLY A 448 1.95 -16.90 15.05
C GLY A 448 2.51 -17.45 13.75
N TYR A 449 3.82 -17.29 13.57
CA TYR A 449 4.52 -17.74 12.38
C TYR A 449 4.20 -19.18 11.98
N ASN A 450 4.27 -20.11 12.94
CA ASN A 450 4.00 -21.50 12.63
C ASN A 450 2.55 -21.81 12.27
N SER A 451 1.62 -21.00 12.75
CA SER A 451 0.23 -21.24 12.40
C SER A 451 0.10 -20.99 10.90
N TRP A 452 0.79 -19.96 10.41
CA TRP A 452 0.76 -19.62 8.99
C TRP A 452 1.58 -20.56 8.12
N ARG A 453 2.65 -21.12 8.70
CA ARG A 453 3.45 -22.07 7.95
C ARG A 453 2.55 -23.29 7.67
N GLY A 454 1.85 -23.75 8.71
CA GLY A 454 0.95 -24.90 8.57
C GLY A 454 -0.15 -24.61 7.57
N PHE A 455 -0.69 -23.40 7.63
CA PHE A 455 -1.75 -22.96 6.71
C PHE A 455 -1.31 -23.08 5.24
N CYS A 456 -0.04 -22.75 5.00
CA CYS A 456 0.51 -22.81 3.65
C CYS A 456 1.13 -24.17 3.32
N GLY A 457 0.89 -25.14 4.20
CA GLY A 457 1.42 -26.48 4.00
C GLY A 457 2.94 -26.59 4.06
N LEU A 458 3.57 -25.74 4.87
CA LEU A 458 5.03 -25.75 5.00
C LEU A 458 5.43 -26.29 6.37
N SER A 459 6.65 -26.79 6.47
CA SER A 459 7.14 -27.33 7.72
C SER A 459 7.02 -26.28 8.82
N GLN A 460 6.98 -26.73 10.07
CA GLN A 460 6.84 -25.83 11.19
C GLN A 460 7.96 -26.08 12.18
N PRO A 461 9.03 -25.28 12.13
CA PRO A 461 10.16 -25.44 13.04
C PRO A 461 9.79 -25.25 14.50
N LYS A 462 10.22 -26.19 15.35
CA LYS A 462 9.97 -26.14 16.79
C LYS A 462 11.27 -25.95 17.56
N THR A 463 12.38 -26.16 16.88
CA THR A 463 13.70 -26.03 17.50
C THR A 463 14.55 -24.96 16.83
N LEU A 464 15.53 -24.45 17.58
CA LEU A 464 16.46 -23.46 17.08
C LEU A 464 17.03 -24.04 15.80
N LYS A 465 17.42 -25.31 15.89
CA LYS A 465 18.00 -26.06 14.79
C LYS A 465 17.05 -26.07 13.60
N GLY A 466 15.77 -26.27 13.91
CA GLY A 466 14.78 -26.30 12.86
C GLY A 466 14.66 -24.94 12.20
N LEU A 467 14.73 -23.89 13.00
CA LEU A 467 14.60 -22.53 12.49
C LEU A 467 15.80 -22.12 11.62
N GLN A 468 16.97 -22.65 11.93
CA GLN A 468 18.17 -22.35 11.17
C GLN A 468 18.03 -22.86 9.74
N THR A 469 17.48 -24.06 9.61
CA THR A 469 17.30 -24.70 8.31
C THR A 469 16.27 -23.99 7.46
N VAL A 470 15.16 -23.55 8.06
CA VAL A 470 14.14 -22.84 7.29
C VAL A 470 14.66 -21.46 6.86
N LEU A 471 15.22 -20.73 7.81
CA LEU A 471 15.76 -19.40 7.55
C LEU A 471 17.10 -19.47 6.83
N LYS A 472 17.75 -20.63 6.87
CA LYS A 472 19.05 -20.79 6.25
C LYS A 472 20.04 -19.76 6.77
N ASN A 473 19.90 -19.41 8.04
CA ASN A 473 20.78 -18.44 8.66
C ASN A 473 20.88 -18.77 10.15
N LYS A 474 22.06 -19.21 10.56
CA LYS A 474 22.31 -19.58 11.95
C LYS A 474 22.13 -18.42 12.90
N ILE A 475 22.81 -17.32 12.62
CA ILE A 475 22.75 -16.15 13.48
C ILE A 475 21.37 -15.51 13.60
N LEU A 476 20.69 -15.31 12.48
CA LEU A 476 19.35 -14.71 12.52
C LEU A 476 18.39 -15.61 13.30
N ALA A 477 18.52 -16.91 13.10
CA ALA A 477 17.67 -17.87 13.77
C ALA A 477 17.86 -17.81 15.29
N LYS A 478 19.09 -17.52 15.69
CA LYS A 478 19.47 -17.46 17.10
C LYS A 478 18.95 -16.25 17.86
N LYS A 479 19.06 -15.06 17.27
CA LYS A 479 18.60 -13.85 17.95
C LYS A 479 17.07 -13.89 18.02
N LEU A 480 16.48 -14.59 17.06
CA LEU A 480 15.05 -14.75 16.96
C LEU A 480 14.58 -15.64 18.11
N MET A 481 15.28 -16.74 18.33
CA MET A 481 14.93 -17.67 19.41
C MET A 481 15.17 -17.03 20.76
N ASP A 482 16.21 -16.22 20.86
CA ASP A 482 16.55 -15.55 22.11
C ASP A 482 15.46 -14.58 22.54
N LEU A 483 14.80 -13.96 21.57
CA LEU A 483 13.76 -13.00 21.86
C LEU A 483 12.38 -13.62 22.01
N TYR A 484 12.10 -14.61 21.16
CA TYR A 484 10.77 -15.24 21.17
C TYR A 484 10.68 -16.54 21.96
N LYS A 485 11.82 -17.17 22.23
CA LYS A 485 11.82 -18.44 22.95
C LYS A 485 10.93 -19.49 22.31
N THR A 486 10.38 -19.29 21.14
CA THR A 486 9.76 -20.41 20.42
C THR A 486 9.22 -19.86 19.09
N PRO A 487 9.42 -20.63 18.04
CA PRO A 487 8.91 -20.24 16.70
C PRO A 487 7.42 -19.93 16.64
N ASP A 488 6.68 -20.60 17.51
CA ASP A 488 5.23 -20.40 17.54
C ASP A 488 4.87 -18.96 17.86
N ASN A 489 5.75 -18.26 18.57
CA ASN A 489 5.49 -16.88 18.97
C ASN A 489 6.03 -15.81 18.03
N ILE A 490 6.80 -16.21 17.02
CA ILE A 490 7.35 -15.21 16.10
C ILE A 490 6.23 -14.50 15.34
N ASP A 491 6.18 -13.18 15.48
CA ASP A 491 5.18 -12.37 14.81
C ASP A 491 5.27 -12.65 13.30
N ILE A 492 4.12 -12.77 12.64
CA ILE A 492 4.08 -13.05 11.22
C ILE A 492 4.90 -12.08 10.33
N TRP A 493 4.78 -10.77 10.56
CA TRP A 493 5.51 -9.81 9.72
C TRP A 493 7.02 -10.09 9.65
N ILE A 494 7.67 -10.18 10.80
CA ILE A 494 9.11 -10.43 10.80
C ILE A 494 9.43 -11.88 10.47
N GLY A 495 8.52 -12.79 10.80
CA GLY A 495 8.79 -14.20 10.49
C GLY A 495 8.75 -14.45 8.99
N GLY A 496 7.73 -13.92 8.34
CA GLY A 496 7.59 -14.09 6.90
C GLY A 496 8.66 -13.42 6.08
N ASN A 497 9.15 -12.26 6.54
CA ASN A 497 10.20 -11.52 5.83
C ASN A 497 11.62 -12.01 6.10
N ALA A 498 11.78 -12.86 7.10
CA ALA A 498 13.10 -13.38 7.42
C ALA A 498 13.46 -14.59 6.56
N GLU A 499 12.48 -15.17 5.87
CA GLU A 499 12.73 -16.32 5.03
C GLU A 499 13.47 -15.96 3.74
N PRO A 500 14.37 -16.83 3.28
CA PRO A 500 15.11 -16.54 2.05
C PRO A 500 14.12 -16.37 0.89
N MET A 501 14.51 -15.62 -0.13
CA MET A 501 13.64 -15.39 -1.27
C MET A 501 13.57 -16.57 -2.23
N VAL A 502 12.41 -16.75 -2.87
CA VAL A 502 12.24 -17.83 -3.83
C VAL A 502 12.92 -17.44 -5.12
N GLU A 503 13.18 -18.45 -5.94
CA GLU A 503 13.83 -18.30 -7.23
C GLU A 503 13.17 -17.20 -8.05
N ARG A 504 13.96 -16.27 -8.57
CA ARG A 504 13.48 -15.10 -9.37
C ARG A 504 12.37 -14.30 -8.68
N GLY A 505 12.20 -14.41 -7.34
CA GLY A 505 11.17 -13.67 -6.65
C GLY A 505 11.81 -12.68 -5.68
N ARG A 506 10.99 -12.03 -4.86
CA ARG A 506 11.50 -11.07 -3.90
C ARG A 506 10.90 -11.29 -2.50
N VAL A 507 10.28 -12.46 -2.33
CA VAL A 507 9.68 -12.85 -1.06
C VAL A 507 9.92 -14.34 -0.87
N GLY A 508 9.88 -14.81 0.38
CA GLY A 508 10.08 -16.22 0.64
C GLY A 508 8.84 -17.07 0.36
N PRO A 509 8.89 -18.37 0.69
CA PRO A 509 7.82 -19.35 0.51
C PRO A 509 6.50 -18.99 1.20
N LEU A 510 6.58 -18.68 2.50
CA LEU A 510 5.38 -18.34 3.27
C LEU A 510 4.68 -17.14 2.67
N LEU A 511 5.41 -16.04 2.49
CA LEU A 511 4.84 -14.84 1.92
C LEU A 511 4.31 -15.06 0.50
N ALA A 512 4.98 -15.87 -0.30
CA ALA A 512 4.53 -16.13 -1.66
C ALA A 512 3.16 -16.79 -1.60
N CYS A 513 2.97 -17.64 -0.60
CA CYS A 513 1.72 -18.34 -0.42
C CYS A 513 0.61 -17.39 -0.02
N LEU A 514 0.87 -16.58 1.00
CA LEU A 514 -0.12 -15.62 1.48
C LEU A 514 -0.48 -14.60 0.41
N LEU A 515 0.52 -14.10 -0.29
CA LEU A 515 0.31 -13.11 -1.33
C LEU A 515 -0.38 -13.75 -2.54
N GLY A 516 0.16 -14.87 -3.01
CA GLY A 516 -0.42 -15.56 -4.15
C GLY A 516 -1.90 -15.84 -4.01
N ARG A 517 -2.29 -16.44 -2.88
CA ARG A 517 -3.71 -16.74 -2.66
C ARG A 517 -4.56 -15.50 -2.74
N GLN A 518 -4.19 -14.47 -1.98
CA GLN A 518 -4.95 -13.24 -1.98
C GLN A 518 -5.17 -12.71 -3.38
N PHE A 519 -4.10 -12.63 -4.16
CA PHE A 519 -4.21 -12.13 -5.52
C PHE A 519 -5.03 -12.98 -6.46
N GLN A 520 -4.98 -14.29 -6.30
CA GLN A 520 -5.78 -15.18 -7.15
C GLN A 520 -7.25 -14.93 -6.84
N GLN A 521 -7.55 -14.66 -5.57
CA GLN A 521 -8.92 -14.43 -5.16
C GLN A 521 -9.53 -13.12 -5.64
N ILE A 522 -8.81 -12.01 -5.50
CA ILE A 522 -9.37 -10.72 -5.94
C ILE A 522 -9.46 -10.67 -7.46
N ARG A 523 -8.74 -11.55 -8.14
CA ARG A 523 -8.83 -11.58 -9.59
C ARG A 523 -10.01 -12.43 -9.95
N ASP A 524 -10.01 -13.66 -9.42
CA ASP A 524 -11.08 -14.61 -9.69
C ASP A 524 -12.43 -14.22 -9.11
N GLY A 525 -12.43 -13.41 -8.06
CA GLY A 525 -13.68 -13.00 -7.45
C GLY A 525 -14.20 -11.67 -7.94
N ASP A 526 -13.54 -11.09 -8.93
CA ASP A 526 -13.91 -9.79 -9.49
C ASP A 526 -14.76 -9.90 -10.76
N ARG A 527 -16.02 -9.54 -10.66
CA ARG A 527 -16.93 -9.60 -11.81
C ARG A 527 -16.50 -8.59 -12.87
N PHE A 528 -15.69 -7.63 -12.45
CA PHE A 528 -15.22 -6.59 -13.36
C PHE A 528 -13.76 -6.72 -13.76
N TRP A 529 -13.21 -7.91 -13.57
CA TRP A 529 -11.83 -8.18 -13.96
C TRP A 529 -11.80 -7.84 -15.46
N TRP A 530 -10.71 -7.25 -15.92
CA TRP A 530 -10.63 -6.83 -17.32
C TRP A 530 -10.78 -7.93 -18.39
N GLU A 531 -10.39 -9.16 -18.07
CA GLU A 531 -10.50 -10.25 -19.05
C GLU A 531 -11.82 -10.99 -18.98
N ASN A 532 -12.64 -10.66 -18.00
CA ASN A 532 -13.93 -11.33 -17.88
C ASN A 532 -14.79 -10.99 -19.09
N PRO A 533 -15.11 -12.00 -19.90
CA PRO A 533 -15.92 -11.79 -21.10
C PRO A 533 -17.09 -10.84 -20.84
N GLY A 534 -17.19 -9.79 -21.66
CA GLY A 534 -18.28 -8.85 -21.50
C GLY A 534 -17.92 -7.51 -20.88
N VAL A 535 -16.89 -7.46 -20.03
CA VAL A 535 -16.51 -6.18 -19.41
C VAL A 535 -15.99 -5.21 -20.45
N PHE A 536 -15.08 -5.68 -21.29
CA PHE A 536 -14.52 -4.89 -22.38
C PHE A 536 -14.74 -5.78 -23.61
N THR A 537 -14.59 -5.21 -24.80
CA THR A 537 -14.76 -5.99 -26.02
C THR A 537 -13.42 -6.58 -26.43
N GLU A 538 -13.45 -7.60 -27.29
CA GLU A 538 -12.22 -8.22 -27.77
C GLU A 538 -11.30 -7.17 -28.36
N LYS A 539 -11.88 -6.23 -29.11
CA LYS A 539 -11.10 -5.19 -29.73
C LYS A 539 -10.51 -4.25 -28.68
N GLN A 540 -11.28 -3.99 -27.63
CA GLN A 540 -10.83 -3.13 -26.56
C GLN A 540 -9.70 -3.82 -25.81
N ARG A 541 -9.88 -5.10 -25.53
CA ARG A 541 -8.86 -5.86 -24.82
C ARG A 541 -7.55 -5.86 -25.60
N ASP A 542 -7.60 -6.00 -26.92
CA ASP A 542 -6.37 -5.98 -27.71
C ASP A 542 -5.59 -4.68 -27.48
N SER A 543 -6.32 -3.58 -27.32
CA SER A 543 -5.69 -2.29 -27.10
C SER A 543 -5.08 -2.17 -25.71
N LEU A 544 -5.77 -2.72 -24.71
CA LEU A 544 -5.32 -2.65 -23.31
C LEU A 544 -4.08 -3.50 -23.04
N GLN A 545 -3.88 -4.56 -23.82
CA GLN A 545 -2.72 -5.42 -23.66
C GLN A 545 -1.45 -4.68 -24.00
N LYS A 546 -1.60 -3.47 -24.54
CA LYS A 546 -0.46 -2.66 -24.93
C LYS A 546 -0.02 -1.64 -23.92
N PHE A 547 -0.79 -1.47 -22.85
CA PHE A 547 -0.42 -0.52 -21.81
C PHE A 547 0.98 -0.87 -21.34
N SER A 548 1.67 0.10 -20.77
CA SER A 548 2.99 -0.09 -20.20
C SER A 548 3.16 1.13 -19.30
N PHE A 549 3.96 1.00 -18.24
CA PHE A 549 4.15 2.14 -17.35
C PHE A 549 4.98 3.20 -18.08
N SER A 550 5.82 2.75 -19.01
CA SER A 550 6.66 3.66 -19.78
C SER A 550 5.79 4.59 -20.61
N ARG A 551 4.79 4.03 -21.30
CA ARG A 551 3.88 4.83 -22.09
C ARG A 551 3.22 5.87 -21.20
N LEU A 552 2.78 5.42 -20.03
CA LEU A 552 2.11 6.30 -19.09
C LEU A 552 2.96 7.53 -18.80
N ILE A 553 4.25 7.31 -18.60
CA ILE A 553 5.17 8.40 -18.31
C ILE A 553 5.27 9.29 -19.54
N CYS A 554 5.32 8.66 -20.70
CA CYS A 554 5.43 9.38 -21.95
C CYS A 554 4.25 10.31 -22.23
N ASP A 555 3.05 9.87 -21.89
CA ASP A 555 1.87 10.69 -22.12
C ASP A 555 1.55 11.71 -21.04
N ASN A 556 2.22 11.65 -19.90
CA ASN A 556 1.89 12.58 -18.81
C ASN A 556 3.04 13.32 -18.14
N THR A 557 4.17 13.36 -18.80
CA THR A 557 5.35 14.05 -18.29
C THR A 557 6.13 14.51 -19.49
N HIS A 558 7.19 15.27 -19.26
CA HIS A 558 7.99 15.74 -20.37
C HIS A 558 9.27 14.95 -20.55
N ILE A 559 9.28 13.75 -19.98
CA ILE A 559 10.40 12.82 -20.12
C ILE A 559 10.18 12.33 -21.54
N THR A 560 11.25 12.18 -22.32
CA THR A 560 11.07 11.70 -23.70
C THR A 560 11.86 10.43 -23.96
N LYS A 561 12.68 10.03 -22.99
CA LYS A 561 13.49 8.82 -23.07
C LYS A 561 13.09 7.92 -21.90
N VAL A 562 12.62 6.72 -22.21
CA VAL A 562 12.18 5.78 -21.18
C VAL A 562 12.57 4.34 -21.52
N PRO A 563 12.67 3.47 -20.49
CA PRO A 563 13.03 2.06 -20.69
C PRO A 563 11.76 1.33 -21.11
N LEU A 564 11.92 0.20 -21.77
CA LEU A 564 10.76 -0.56 -22.22
C LEU A 564 10.13 -1.36 -21.08
N HIS A 565 10.99 -1.86 -20.23
CA HIS A 565 10.61 -2.65 -19.07
C HIS A 565 10.99 -1.90 -17.80
N ALA A 566 10.11 -1.01 -17.38
CA ALA A 566 10.37 -0.12 -16.26
C ALA A 566 10.65 -0.66 -14.88
N PHE A 567 10.30 -1.93 -14.62
CA PHE A 567 10.51 -2.51 -13.29
C PHE A 567 11.87 -3.14 -13.04
N GLN A 568 12.60 -3.54 -14.12
CA GLN A 568 13.93 -4.11 -14.00
C GLN A 568 14.90 -2.93 -13.91
N ALA A 569 16.11 -3.18 -13.36
CA ALA A 569 17.12 -2.13 -13.26
C ALA A 569 17.48 -1.71 -14.68
N ASN A 570 17.48 -0.40 -14.93
CA ASN A 570 17.82 0.13 -16.26
C ASN A 570 18.87 1.22 -16.21
N ASN A 571 19.92 1.07 -17.00
CA ASN A 571 21.01 2.02 -17.05
C ASN A 571 20.86 3.01 -18.19
N TYR A 572 21.10 4.28 -17.90
CA TYR A 572 21.00 5.33 -18.90
C TYR A 572 22.36 5.59 -19.56
N PRO A 573 22.37 5.77 -20.89
CA PRO A 573 21.19 5.75 -21.75
C PRO A 573 20.97 4.46 -22.52
N HIS A 574 21.82 3.46 -22.30
CA HIS A 574 21.69 2.19 -23.00
C HIS A 574 20.28 1.61 -22.99
N ASP A 575 19.72 1.39 -21.81
CA ASP A 575 18.39 0.81 -21.72
C ASP A 575 17.24 1.78 -21.93
N PHE A 576 17.54 3.00 -22.39
CA PHE A 576 16.48 3.97 -22.61
C PHE A 576 16.27 4.24 -24.09
N VAL A 577 15.00 4.32 -24.49
CA VAL A 577 14.64 4.57 -25.88
C VAL A 577 13.72 5.79 -25.96
N ASP A 578 13.51 6.30 -27.17
CA ASP A 578 12.64 7.46 -27.34
C ASP A 578 11.19 7.01 -27.20
N CYS A 579 10.35 7.89 -26.67
CA CYS A 579 8.95 7.54 -26.45
C CYS A 579 8.23 7.01 -27.69
N SER A 580 8.69 7.41 -28.87
CA SER A 580 8.08 6.95 -30.12
C SER A 580 8.11 5.44 -30.28
N THR A 581 9.14 4.81 -29.71
CA THR A 581 9.32 3.36 -29.81
C THR A 581 8.37 2.60 -28.88
N VAL A 582 7.68 3.33 -28.01
CA VAL A 582 6.76 2.72 -27.06
C VAL A 582 5.31 2.73 -27.52
N ASP A 583 4.72 1.54 -27.55
CA ASP A 583 3.34 1.34 -27.99
C ASP A 583 2.41 2.29 -27.26
N LYS A 584 1.47 2.87 -28.01
CA LYS A 584 0.49 3.78 -27.43
C LYS A 584 -0.80 3.02 -27.21
N LEU A 585 -1.67 3.57 -26.39
CA LEU A 585 -2.95 2.94 -26.14
C LEU A 585 -3.88 3.41 -27.25
N ASP A 586 -4.30 2.51 -28.12
CA ASP A 586 -5.19 2.87 -29.22
C ASP A 586 -6.62 2.86 -28.71
N LEU A 587 -7.25 4.03 -28.69
CA LEU A 587 -8.62 4.17 -28.20
C LEU A 587 -9.75 4.12 -29.22
N SER A 588 -9.44 3.92 -30.50
CA SER A 588 -10.49 3.87 -31.51
C SER A 588 -11.56 2.84 -31.16
N PRO A 589 -11.16 1.71 -30.54
CA PRO A 589 -12.11 0.66 -30.17
C PRO A 589 -13.22 1.14 -29.22
N TRP A 590 -13.10 2.38 -28.74
CA TRP A 590 -14.09 2.97 -27.84
C TRP A 590 -15.01 3.90 -28.60
N ALA A 591 -14.71 4.12 -29.88
CA ALA A 591 -15.52 5.00 -30.72
C ALA A 591 -16.93 4.42 -30.78
N SER A 592 -17.95 5.27 -30.71
CA SER A 592 -19.33 4.79 -30.73
C SER A 592 -20.21 5.42 -31.81
N ARG A 593 -21.05 4.60 -32.44
CA ARG A 593 -21.95 5.08 -33.49
C ARG A 593 -23.43 5.03 -33.08
N GLU A 594 -24.13 6.11 -33.40
CA GLU A 594 -25.54 6.30 -33.09
C GLU A 594 -26.49 5.69 -34.12
N ASN A 595 -26.36 6.09 -35.38
CA ASN A 595 -27.23 5.57 -36.43
C ASN A 595 -26.93 4.10 -36.72
C1 NAG B . 16.10 -8.64 -14.33
C2 NAG B . 16.86 -9.84 -14.85
C3 NAG B . 16.23 -10.45 -16.11
C4 NAG B . 14.71 -10.61 -15.97
C5 NAG B . 14.23 -9.29 -15.38
C6 NAG B . 12.72 -9.18 -15.24
C7 NAG B . 19.15 -10.30 -14.65
C8 NAG B . 20.46 -10.12 -15.32
N2 NAG B . 18.22 -9.47 -15.12
O3 NAG B . 16.81 -11.71 -16.36
O4 NAG B . 14.19 -10.83 -17.26
O5 NAG B . 14.82 -9.13 -14.12
O6 NAG B . 12.44 -10.38 -14.60
O7 NAG B . 18.97 -11.17 -13.74
C1 NAG B . 13.45 -12.00 -17.60
C2 NAG B . 12.47 -11.72 -18.75
C3 NAG B . 11.81 -12.96 -19.34
C4 NAG B . 12.55 -14.30 -19.18
C5 NAG B . 13.82 -14.20 -18.33
C6 NAG B . 14.81 -15.16 -18.99
C7 NAG B . 11.50 -9.62 -19.17
C8 NAG B . 10.30 -8.72 -19.34
N2 NAG B . 11.42 -10.75 -18.47
O3 NAG B . 11.71 -12.71 -20.71
O4 NAG B . 11.67 -15.35 -18.76
O5 NAG B . 14.37 -12.90 -18.16
O6 NAG B . 14.13 -16.42 -19.15
O7 NAG B . 12.54 -9.27 -19.71
C1 NAG C . -12.89 22.11 -14.36
C2 NAG C . -11.66 22.68 -13.71
C3 NAG C . -11.34 24.07 -14.23
C4 NAG C . -11.36 24.12 -15.77
C5 NAG C . -12.44 23.21 -16.34
C6 NAG C . -12.18 22.90 -17.80
C7 NAG C . -11.06 22.38 -11.38
C8 NAG C . -11.32 22.78 -9.98
N2 NAG C . -11.89 22.87 -12.32
O3 NAG C . -10.14 24.50 -13.62
O4 NAG C . -11.58 25.42 -16.29
O5 NAG C . -12.55 21.96 -15.69
O6 NAG C . -13.42 22.56 -18.41
O7 NAG C . -10.12 21.62 -11.62
C1 NAG C . -10.53 25.70 -17.24
C2 NAG C . -10.86 26.80 -18.24
C3 NAG C . -9.73 27.28 -19.13
C4 NAG C . -8.37 27.30 -18.46
C5 NAG C . -8.26 26.26 -17.31
C6 NAG C . -7.15 26.60 -16.28
C7 NAG C . -12.90 26.58 -19.25
C8 NAG C . -13.70 26.06 -20.42
N2 NAG C . -11.66 26.26 -19.29
O3 NAG C . -10.04 28.55 -19.67
O4 NAG C . -7.42 27.21 -19.55
O5 NAG C . -9.44 26.16 -16.55
O6 NAG C . -7.51 27.60 -15.30
O7 NAG C . -13.33 27.24 -18.30
C1 NAG D . 11.29 25.46 3.30
C2 NAG D . 12.75 25.02 3.32
C3 NAG D . 13.65 26.03 2.70
C4 NAG D . 13.14 26.45 1.35
C5 NAG D . 11.64 26.58 1.36
C6 NAG D . 11.13 26.76 -0.06
C7 NAG D . 13.30 23.74 5.28
C8 NAG D . 13.77 23.75 6.73
N2 NAG D . 13.15 24.91 4.67
O3 NAG D . 14.97 25.52 2.56
O4 NAG D . 13.67 27.71 1.04
O5 NAG D . 11.02 25.45 1.95
O6 NAG D . 9.88 27.39 0.12
O7 NAG D . 13.06 22.63 4.75
C1 NAG D . 14.25 27.77 -0.28
C2 NAG D . 14.55 29.19 -0.72
C3 NAG D . 15.06 29.10 -2.14
C4 NAG D . 16.36 28.32 -2.23
C5 NAG D . 16.56 27.42 -1.00
C6 NAG D . 17.55 27.97 0.04
C7 NAG D . 13.00 30.86 0.22
C8 NAG D . 11.89 31.83 -0.11
N2 NAG D . 13.31 29.96 -0.73
O3 NAG D . 15.27 30.38 -2.67
O4 NAG D . 16.38 27.63 -3.49
O5 NAG D . 15.37 27.00 -0.35
O6 NAG D . 17.86 27.00 1.05
O7 NAG D . 13.61 30.93 1.29
C1 MAN D . 17.60 27.91 -4.24
C2 MAN D . 18.75 28.45 -3.36
C3 MAN D . 19.24 29.89 -3.55
C4 MAN D . 18.73 30.62 -4.78
C5 MAN D . 17.37 30.09 -5.17
C6 MAN D . 16.83 30.95 -6.33
O2 MAN D . 19.85 27.57 -3.48
O3 MAN D . 20.65 29.94 -3.59
O4 MAN D . 18.56 32.00 -4.51
O5 MAN D . 17.46 28.69 -5.43
O6 MAN D . 16.99 30.34 -7.60
C1 NAG E . -15.03 -21.65 -8.22
C2 NAG E . -14.97 -23.09 -8.76
C3 NAG E . -14.95 -24.25 -7.73
C4 NAG E . -14.49 -23.93 -6.31
C5 NAG E . -14.84 -22.49 -6.02
C6 NAG E . -14.29 -22.16 -4.65
C7 NAG E . -15.65 -23.80 -10.92
C8 NAG E . -15.83 -25.28 -11.20
N2 NAG E . -16.03 -23.31 -9.74
O3 NAG E . -14.12 -25.31 -8.16
O4 NAG E . -15.19 -24.76 -5.38
O5 NAG E . -14.28 -21.66 -7.03
O6 NAG E . -12.96 -22.61 -4.76
O7 NAG E . -15.11 -23.06 -11.73
C1 NAG E . -14.47 -25.90 -4.84
C2 NAG E . -14.43 -25.87 -3.30
C3 NAG E . -14.05 -27.23 -2.64
C4 NAG E . -14.32 -28.49 -3.45
C5 NAG E . -14.52 -28.28 -4.97
C6 NAG E . -15.39 -29.43 -5.47
C7 NAG E . -13.83 -24.13 -1.63
C8 NAG E . -13.13 -24.52 -0.35
N2 NAG E . -13.55 -24.84 -2.74
O3 NAG E . -14.71 -27.39 -1.38
O4 NAG E . -13.36 -29.49 -3.13
O5 NAG E . -15.15 -27.05 -5.29
O6 NAG E . -15.58 -29.34 -6.86
O7 NAG E . -14.62 -23.19 -1.64
C1 BMA E . -12.57 -29.95 -4.26
C2 BMA E . -11.21 -30.47 -3.79
C3 BMA E . -11.00 -31.93 -4.26
C4 BMA E . -12.26 -32.78 -3.99
C5 BMA E . -13.50 -32.18 -4.63
C6 BMA E . -14.70 -32.23 -3.70
O2 BMA E . -11.08 -30.30 -2.39
O3 BMA E . -9.82 -32.52 -3.73
O4 BMA E . -12.14 -34.09 -4.52
O5 BMA E . -13.23 -30.87 -5.12
O6 BMA E . -15.82 -32.65 -4.45
C1 MAN E . -11.85 -34.98 -3.42
C2 MAN E . -11.99 -36.45 -3.82
C3 MAN E . -12.85 -37.15 -2.77
C4 MAN E . -12.19 -36.94 -1.40
C5 MAN E . -11.93 -35.45 -1.18
C6 MAN E . -10.42 -35.12 -1.22
O2 MAN E . -10.68 -37.00 -3.85
O3 MAN E . -13.00 -38.51 -3.07
O4 MAN E . -13.00 -37.48 -0.38
O5 MAN E . -12.58 -34.74 -2.23
O6 MAN E . -10.16 -33.79 -0.79
CHA HEM F . 1.38 0.45 6.35
CHB HEM F . 4.79 3.83 5.69
CHC HEM F . 6.15 1.74 1.52
CHD HEM F . 2.88 -1.63 2.23
C1A HEM F . 2.17 1.56 6.54
C2A HEM F . 2.06 2.48 7.65
C3A HEM F . 2.97 3.42 7.45
C4A HEM F . 3.73 3.10 6.23
CMA HEM F . 3.25 4.61 8.44
CAA HEM F . 1.06 2.42 8.86
CBA HEM F . 1.45 1.27 9.72
CGA HEM F . 0.56 1.06 10.91
O1A HEM F . 0.40 -0.10 11.30
O2A HEM F . -0.01 1.96 11.51
C1B HEM F . 5.34 3.59 4.48
C2B HEM F . 6.32 4.41 3.78
C3B HEM F . 6.64 3.84 2.61
C4B HEM F . 5.93 2.63 2.54
CMB HEM F . 6.79 5.79 4.29
CAB HEM F . 7.61 4.29 1.47
CBB HEM F . 8.59 5.16 1.80
C1C HEM F . 5.44 0.62 1.41
C2C HEM F . 5.64 -0.40 0.38
C3C HEM F . 4.64 -1.30 0.53
C4C HEM F . 3.92 -0.93 1.73
CMC HEM F . 6.62 -0.26 -0.82
CAC HEM F . 4.35 -2.54 -0.35
CBC HEM F . 5.17 -2.92 -1.39
C1D HEM F . 2.10 -1.26 3.28
C2D HEM F . 0.90 -2.01 3.60
C3D HEM F . 0.40 -1.42 4.89
C4D HEM F . 1.42 -0.34 5.22
CMD HEM F . 0.18 -3.06 2.77
CAD HEM F . -0.94 -1.75 5.62
CBD HEM F . -2.04 -0.74 5.17
CGD HEM F . -3.36 -1.17 5.77
O1D HEM F . -3.81 -0.45 6.70
O2D HEM F . -3.89 -2.26 5.28
NA HEM F . 3.22 1.94 5.68
NB HEM F . 5.14 2.49 3.68
NC HEM F . 4.40 0.29 2.26
ND HEM F . 2.41 -0.30 4.26
FE HEM F . 3.86 1.06 4.08
S SCN G . -14.28 13.97 2.12
C SCN G . -15.83 14.78 1.82
N SCN G . -16.75 15.41 1.68
S SCN H . 1.06 5.17 4.80
C SCN H . 0.82 6.41 6.07
N SCN H . 0.79 7.28 6.83
CA CA I . -9.53 -1.10 -4.25
I IOD J . 17.84 -2.83 22.65
I IOD K . 15.53 -11.65 -11.08
I IOD L . -6.33 23.73 -5.01
I IOD M . -3.17 -9.90 -16.80
I IOD N . 14.41 13.21 -20.54
I IOD O . -6.31 -13.57 8.86
I IOD P . 12.23 -29.01 14.33
#